data_4N4P
#
_entry.id   4N4P
#
_cell.length_a   59.986
_cell.length_b   136.350
_cell.length_c   157.248
_cell.angle_alpha   90.000
_cell.angle_beta   90.000
_cell.angle_gamma   90.000
#
_symmetry.space_group_name_H-M   'P 21 21 21'
#
loop_
_entity.id
_entity.type
_entity.pdbx_description
1 polymer 'Acylneuraminate lyase'
2 non-polymer 'CHLORIDE ION'
3 water water
#
_entity_poly.entity_id   1
_entity_poly.type   'polypeptide(L)'
_entity_poly.pdbx_seq_one_letter_code
;MHNFDKFKGLFPAMVTPFTKDGKLHKAGVKEVVNFLVEKQKVDGIYITGSTGEFLLLSFEDKKEVMKLVAEANAGRVTLI
AQIGSLNIEETKELAKLAKELKYDAISAITPYYYNFSFNETHHYYEEISKAADIPMLIYYLPQLAGQKVSTDQFGKLLEI
KNVIGSKYGATDLFAFERLMSKYPDKLFMFAWDEALAMGLTMGAKGFIGSTYNVNAKGANAIIKAWEANDKEAVMKLTHT
YNDYVLDLISKGLMQSLKAIMRLHGVDAGYTRKPFWRYEDEEIKKHAEFITDKYLK
;
_entity_poly.pdbx_strand_id   A,B,C,D
#
loop_
_chem_comp.id
_chem_comp.type
_chem_comp.name
_chem_comp.formula
CL non-polymer 'CHLORIDE ION' 'Cl -1'
#
# COMPACT_ATOMS: atom_id res chain seq x y z
N MET A 1 -6.31 -1.78 -39.86
CA MET A 1 -5.69 -0.96 -38.79
C MET A 1 -5.97 0.52 -39.06
N HIS A 2 -6.07 1.30 -38.00
CA HIS A 2 -6.12 2.77 -38.09
C HIS A 2 -4.75 3.32 -38.46
N ASN A 3 -4.77 4.42 -39.21
CA ASN A 3 -3.55 5.14 -39.44
C ASN A 3 -3.46 6.13 -38.29
N PHE A 4 -2.58 5.83 -37.34
CA PHE A 4 -2.28 6.72 -36.22
C PHE A 4 -0.88 7.31 -36.32
N ASP A 5 -0.41 7.48 -37.55
CA ASP A 5 0.97 7.94 -37.76
C ASP A 5 1.25 9.32 -37.19
N LYS A 6 0.24 10.20 -37.16
CA LYS A 6 0.46 11.52 -36.59
C LYS A 6 0.62 11.50 -35.07
N PHE A 7 0.40 10.35 -34.45
CA PHE A 7 0.56 10.24 -33.00
C PHE A 7 1.85 9.54 -32.61
N LYS A 8 2.71 9.32 -33.58
CA LYS A 8 4.04 8.74 -33.32
C LYS A 8 4.99 9.80 -32.82
N GLY A 9 5.85 9.42 -31.88
CA GLY A 9 6.96 10.26 -31.49
C GLY A 9 6.75 10.95 -30.15
N LEU A 10 7.33 12.14 -30.02
CA LEU A 10 7.34 12.83 -28.73
C LEU A 10 6.33 13.95 -28.64
N PHE A 11 5.54 13.90 -27.56
CA PHE A 11 4.54 14.92 -27.22
C PHE A 11 4.83 15.48 -25.82
N PRO A 12 5.60 16.58 -25.71
CA PRO A 12 5.74 17.21 -24.41
C PRO A 12 4.37 17.58 -23.84
N ALA A 13 4.22 17.35 -22.54
CA ALA A 13 3.06 17.84 -21.80
C ALA A 13 3.35 19.30 -21.45
N MET A 14 2.83 20.18 -22.29
CA MET A 14 3.23 21.59 -22.29
C MET A 14 2.94 22.28 -20.96
N VAL A 15 3.92 23.05 -20.49
CA VAL A 15 3.71 23.94 -19.35
C VAL A 15 2.82 25.11 -19.77
N THR A 16 2.08 25.65 -18.83
CA THR A 16 1.26 26.86 -19.08
C THR A 16 1.92 28.12 -18.47
N PRO A 17 2.39 29.07 -19.31
CA PRO A 17 3.03 30.25 -18.74
C PRO A 17 2.11 31.14 -17.93
N PHE A 18 2.54 31.48 -16.71
CA PHE A 18 1.85 32.50 -15.94
C PHE A 18 2.84 33.58 -15.56
N THR A 19 2.35 34.79 -15.38
CA THR A 19 3.19 35.88 -14.88
C THR A 19 3.52 35.62 -13.43
N LYS A 20 4.54 36.31 -12.92
CA LYS A 20 4.90 36.16 -11.51
C LYS A 20 3.70 36.33 -10.59
N ASP A 21 2.80 37.23 -10.95
CA ASP A 21 1.66 37.45 -10.07
C ASP A 21 0.46 36.59 -10.40
N GLY A 22 0.66 35.61 -11.30
CA GLY A 22 -0.35 34.58 -11.51
C GLY A 22 -1.35 34.76 -12.64
N LYS A 23 -1.17 35.76 -13.49
CA LYS A 23 -2.08 35.95 -14.63
C LYS A 23 -1.65 34.99 -15.74
N LEU A 24 -2.60 34.47 -16.50
CA LEU A 24 -2.22 33.75 -17.73
C LEU A 24 -1.34 34.63 -18.61
N HIS A 25 -0.16 34.14 -18.96
CA HIS A 25 0.75 34.92 -19.81
C HIS A 25 0.59 34.52 -21.30
N LYS A 26 -0.30 35.24 -21.98
CA LYS A 26 -0.77 34.82 -23.29
C LYS A 26 0.35 34.79 -24.31
N ALA A 27 1.21 35.82 -24.33
CA ALA A 27 2.34 35.85 -25.26
C ALA A 27 3.30 34.70 -24.99
N GLY A 28 3.42 34.32 -23.71
CA GLY A 28 4.27 33.19 -23.35
C GLY A 28 3.81 31.85 -23.91
N VAL A 29 2.49 31.65 -24.00
CA VAL A 29 1.96 30.40 -24.58
C VAL A 29 2.51 30.24 -25.99
N LYS A 30 2.47 31.33 -26.78
CA LYS A 30 2.95 31.24 -28.15
C LYS A 30 4.46 30.97 -28.21
N GLU A 31 5.23 31.59 -27.33
CA GLU A 31 6.69 31.36 -27.34
C GLU A 31 7.01 29.92 -26.93
N VAL A 32 6.31 29.38 -25.96
CA VAL A 32 6.54 27.98 -25.57
C VAL A 32 6.22 27.05 -26.75
N VAL A 33 5.11 27.28 -27.43
CA VAL A 33 4.76 26.45 -28.60
C VAL A 33 5.87 26.50 -29.64
N ASN A 34 6.33 27.71 -30.01
CA ASN A 34 7.42 27.81 -30.98
C ASN A 34 8.69 27.10 -30.53
N PHE A 35 9.03 27.21 -29.24
CA PHE A 35 10.20 26.55 -28.69
C PHE A 35 10.07 25.02 -28.89
N LEU A 36 8.90 24.49 -28.58
CA LEU A 36 8.66 23.04 -28.69
C LEU A 36 8.75 22.57 -30.15
N VAL A 37 8.09 23.31 -31.03
CA VAL A 37 8.09 22.96 -32.45
C VAL A 37 9.46 23.17 -33.07
N GLU A 38 10.08 24.32 -32.82
CA GLU A 38 11.24 24.73 -33.62
C GLU A 38 12.57 24.33 -33.03
N LYS A 39 12.66 24.30 -31.70
CA LYS A 39 13.92 23.99 -31.02
C LYS A 39 13.94 22.58 -30.47
N GLN A 40 12.86 22.19 -29.80
CA GLN A 40 12.78 20.78 -29.37
C GLN A 40 12.46 19.84 -30.53
N LYS A 41 11.88 20.39 -31.60
CA LYS A 41 11.52 19.58 -32.79
C LYS A 41 10.61 18.41 -32.45
N VAL A 42 9.57 18.68 -31.66
CA VAL A 42 8.68 17.62 -31.19
C VAL A 42 7.71 17.20 -32.31
N ASP A 43 7.10 16.04 -32.12
CA ASP A 43 6.13 15.53 -33.07
C ASP A 43 4.72 16.03 -32.79
N GLY A 44 4.48 16.43 -31.54
CA GLY A 44 3.19 16.91 -31.15
C GLY A 44 3.27 17.59 -29.80
N ILE A 45 2.15 18.19 -29.38
CA ILE A 45 2.10 18.86 -28.07
C ILE A 45 0.84 18.43 -27.36
N TYR A 46 0.95 18.12 -26.07
CA TYR A 46 -0.16 17.71 -25.23
C TYR A 46 -0.40 18.86 -24.25
N ILE A 47 -1.55 19.52 -24.37
CA ILE A 47 -1.79 20.73 -23.61
C ILE A 47 -2.77 20.56 -22.48
N THR A 48 -2.69 21.49 -21.53
CA THR A 48 -3.57 21.57 -20.36
C THR A 48 -3.77 20.27 -19.59
N GLY A 49 -2.69 19.51 -19.44
CA GLY A 49 -2.72 18.33 -18.61
C GLY A 49 -2.15 18.73 -17.24
N SER A 50 -1.85 17.74 -16.40
CA SER A 50 -1.26 18.02 -15.07
C SER A 50 -0.04 18.96 -15.16
N THR A 51 0.84 18.71 -16.13
CA THR A 51 2.06 19.49 -16.28
C THR A 51 1.75 20.91 -16.71
N GLY A 52 0.58 21.07 -17.33
CA GLY A 52 0.06 22.39 -17.72
C GLY A 52 -0.73 23.10 -16.63
N GLU A 53 -0.65 22.57 -15.40
CA GLU A 53 -1.32 23.15 -14.24
C GLU A 53 -2.83 23.35 -14.47
N PHE A 54 -3.46 22.38 -15.13
CA PHE A 54 -4.83 22.62 -15.61
C PHE A 54 -5.79 22.89 -14.47
N LEU A 55 -5.59 22.25 -13.32
CA LEU A 55 -6.44 22.50 -12.15
C LEU A 55 -6.36 23.91 -11.60
N LEU A 56 -5.35 24.64 -12.01
CA LEU A 56 -5.12 26.01 -11.56
C LEU A 56 -5.59 27.02 -12.60
N LEU A 57 -6.15 26.51 -13.69
CA LEU A 57 -6.70 27.35 -14.75
C LEU A 57 -8.20 27.58 -14.58
N SER A 58 -8.67 28.81 -14.81
CA SER A 58 -10.11 29.05 -14.93
C SER A 58 -10.59 28.44 -16.24
N PHE A 59 -11.90 28.25 -16.35
CA PHE A 59 -12.52 27.80 -17.58
C PHE A 59 -12.14 28.69 -18.75
N GLU A 60 -12.21 30.00 -18.53
CA GLU A 60 -11.80 30.98 -19.54
C GLU A 60 -10.31 30.89 -19.92
N ASP A 61 -9.45 30.62 -18.93
CA ASP A 61 -8.02 30.42 -19.18
C ASP A 61 -7.82 29.20 -20.11
N LYS A 62 -8.56 28.12 -19.85
CA LYS A 62 -8.44 26.87 -20.63
C LYS A 62 -8.77 27.10 -22.09
N LYS A 63 -9.88 27.80 -22.33
CA LYS A 63 -10.27 28.15 -23.70
C LYS A 63 -9.22 29.01 -24.36
N GLU A 64 -8.68 29.99 -23.62
CA GLU A 64 -7.69 30.89 -24.17
C GLU A 64 -6.42 30.12 -24.52
N VAL A 65 -5.97 29.24 -23.62
CA VAL A 65 -4.76 28.45 -23.91
C VAL A 65 -4.95 27.60 -25.17
N MET A 66 -6.12 26.99 -25.28
CA MET A 66 -6.42 26.14 -26.43
C MET A 66 -6.36 26.95 -27.74
N LYS A 67 -6.93 28.17 -27.70
CA LYS A 67 -6.90 29.04 -28.87
C LYS A 67 -5.50 29.47 -29.23
N LEU A 68 -4.73 29.89 -28.22
CA LEU A 68 -3.41 30.43 -28.44
C LEU A 68 -2.47 29.36 -28.97
N VAL A 69 -2.64 28.13 -28.49
CA VAL A 69 -1.78 27.03 -28.95
C VAL A 69 -2.07 26.68 -30.42
N ALA A 70 -3.35 26.58 -30.74
CA ALA A 70 -3.75 26.24 -32.11
C ALA A 70 -3.27 27.31 -33.08
N GLU A 71 -3.40 28.58 -32.68
CA GLU A 71 -2.85 29.71 -33.44
C GLU A 71 -1.36 29.65 -33.66
N ALA A 72 -0.60 29.55 -32.58
CA ALA A 72 0.85 29.45 -32.64
C ALA A 72 1.34 28.24 -33.41
N ASN A 73 0.69 27.11 -33.22
CA ASN A 73 1.12 25.86 -33.89
C ASN A 73 0.90 26.00 -35.41
N ALA A 74 -0.24 26.62 -35.78
CA ALA A 74 -0.63 26.77 -37.19
C ALA A 74 -0.50 25.44 -37.94
N GLY A 75 -0.95 24.35 -37.31
CA GLY A 75 -0.96 23.02 -37.91
C GLY A 75 0.37 22.33 -38.13
N ARG A 76 1.46 22.86 -37.56
CA ARG A 76 2.81 22.28 -37.80
C ARG A 76 2.97 20.89 -37.17
N VAL A 77 2.56 20.76 -35.92
CA VAL A 77 2.67 19.47 -35.23
C VAL A 77 1.30 19.01 -34.74
N THR A 78 1.22 17.76 -34.28
CA THR A 78 -0.05 17.17 -33.81
C THR A 78 -0.40 17.82 -32.48
N LEU A 79 -1.69 18.06 -32.24
CA LEU A 79 -2.12 18.67 -30.97
C LEU A 79 -3.11 17.79 -30.25
N ILE A 80 -2.90 17.61 -28.96
CA ILE A 80 -3.83 16.92 -28.09
C ILE A 80 -4.12 17.82 -26.91
N ALA A 81 -5.41 17.98 -26.58
CA ALA A 81 -5.81 18.79 -25.43
C ALA A 81 -6.44 17.93 -24.34
N GLN A 82 -5.90 18.02 -23.13
CA GLN A 82 -6.53 17.39 -21.96
C GLN A 82 -7.61 18.35 -21.50
N ILE A 83 -8.86 17.90 -21.43
CA ILE A 83 -9.98 18.83 -21.26
C ILE A 83 -10.88 18.43 -20.09
N GLY A 84 -10.46 17.39 -19.38
CA GLY A 84 -11.25 16.86 -18.28
C GLY A 84 -11.15 17.63 -16.98
N SER A 85 -12.19 17.48 -16.17
CA SER A 85 -12.28 18.02 -14.81
C SER A 85 -13.59 17.49 -14.21
N LEU A 86 -13.91 17.91 -13.00
CA LEU A 86 -15.15 17.45 -12.41
C LEU A 86 -16.37 18.22 -12.94
N ASN A 87 -16.11 19.29 -13.68
CA ASN A 87 -17.19 20.07 -14.28
C ASN A 87 -17.51 19.50 -15.64
N ILE A 88 -18.56 18.68 -15.70
CA ILE A 88 -18.88 17.99 -16.94
C ILE A 88 -19.34 18.94 -18.05
N GLU A 89 -20.14 19.96 -17.72
CA GLU A 89 -20.64 20.84 -18.79
C GLU A 89 -19.51 21.67 -19.40
N GLU A 90 -18.58 22.12 -18.57
CA GLU A 90 -17.40 22.80 -19.07
C GLU A 90 -16.53 21.88 -19.96
N THR A 91 -16.33 20.64 -19.53
CA THR A 91 -15.57 19.65 -20.30
C THR A 91 -16.15 19.44 -21.72
N LYS A 92 -17.48 19.33 -21.81
CA LYS A 92 -18.17 19.23 -23.09
C LYS A 92 -17.94 20.45 -24.00
N GLU A 93 -17.99 21.66 -23.43
CA GLU A 93 -17.67 22.87 -24.18
C GLU A 93 -16.22 22.88 -24.67
N LEU A 94 -15.31 22.40 -23.81
CA LEU A 94 -13.91 22.29 -24.22
C LEU A 94 -13.72 21.27 -25.34
N ALA A 95 -14.43 20.14 -25.29
CA ALA A 95 -14.39 19.14 -26.39
C ALA A 95 -14.86 19.76 -27.70
N LYS A 96 -15.93 20.55 -27.62
CA LYS A 96 -16.43 21.26 -28.82
C LYS A 96 -15.45 22.29 -29.33
N LEU A 97 -14.80 23.02 -28.41
CA LEU A 97 -13.78 23.98 -28.80
C LEU A 97 -12.58 23.31 -29.46
N ALA A 98 -12.10 22.20 -28.86
CA ALA A 98 -10.99 21.45 -29.42
C ALA A 98 -11.29 21.07 -30.88
N LYS A 99 -12.53 20.67 -31.13
CA LYS A 99 -12.89 20.24 -32.48
C LYS A 99 -12.93 21.44 -33.44
N GLU A 100 -13.55 22.52 -32.99
CA GLU A 100 -13.57 23.80 -33.71
C GLU A 100 -12.16 24.26 -34.08
N LEU A 101 -11.22 24.06 -33.15
CA LEU A 101 -9.85 24.53 -33.36
C LEU A 101 -8.97 23.51 -34.08
N LYS A 102 -9.57 22.38 -34.44
CA LYS A 102 -8.94 21.33 -35.26
C LYS A 102 -7.84 20.60 -34.50
N TYR A 103 -8.06 20.40 -33.20
CA TYR A 103 -7.16 19.53 -32.41
C TYR A 103 -7.25 18.10 -32.95
N ASP A 104 -6.14 17.36 -32.86
CA ASP A 104 -6.10 16.02 -33.42
C ASP A 104 -6.76 14.99 -32.49
N ALA A 105 -6.71 15.28 -31.19
CA ALA A 105 -7.40 14.47 -30.21
C ALA A 105 -7.62 15.28 -28.94
N ILE A 106 -8.45 14.72 -28.07
CA ILE A 106 -8.62 15.24 -26.73
C ILE A 106 -8.35 14.09 -25.77
N SER A 107 -8.12 14.42 -24.51
CA SER A 107 -8.02 13.40 -23.49
C SER A 107 -8.78 13.94 -22.30
N ALA A 108 -9.10 13.06 -21.34
CA ALA A 108 -9.75 13.53 -20.11
C ALA A 108 -9.27 12.67 -18.97
N ILE A 109 -8.73 13.30 -17.95
CA ILE A 109 -8.36 12.59 -16.74
C ILE A 109 -9.55 11.83 -16.12
N THR A 110 -9.24 10.77 -15.39
CA THR A 110 -10.20 10.11 -14.52
C THR A 110 -10.80 11.12 -13.53
N PRO A 111 -12.14 11.07 -13.31
CA PRO A 111 -12.71 11.89 -12.24
C PRO A 111 -11.91 11.71 -10.94
N TYR A 112 -11.53 12.80 -10.32
CA TYR A 112 -10.52 12.75 -9.25
C TYR A 112 -11.11 13.19 -7.90
N TYR A 113 -10.23 13.19 -6.89
CA TYR A 113 -10.54 13.52 -5.49
C TYR A 113 -11.41 12.47 -4.81
N TYR A 114 -12.66 12.34 -5.26
CA TYR A 114 -13.54 11.32 -4.75
C TYR A 114 -13.17 9.99 -5.36
N ASN A 115 -13.61 8.93 -4.71
CA ASN A 115 -13.50 7.59 -5.25
C ASN A 115 -14.74 7.32 -6.08
N PHE A 116 -14.64 7.56 -7.39
CA PHE A 116 -15.77 7.33 -8.27
C PHE A 116 -15.81 5.90 -8.73
N SER A 117 -17.01 5.37 -8.91
CA SER A 117 -17.18 3.96 -9.35
C SER A 117 -16.83 3.80 -10.82
N PHE A 118 -16.66 2.55 -11.22
CA PHE A 118 -16.47 2.27 -12.65
C PHE A 118 -17.61 2.86 -13.47
N ASN A 119 -18.85 2.63 -13.01
CA ASN A 119 -20.04 3.11 -13.69
C ASN A 119 -20.06 4.63 -13.81
N GLU A 120 -19.68 5.33 -12.74
CA GLU A 120 -19.59 6.79 -12.80
C GLU A 120 -18.54 7.25 -13.80
N THR A 121 -17.40 6.59 -13.80
CA THR A 121 -16.33 6.90 -14.73
C THR A 121 -16.75 6.60 -16.18
N HIS A 122 -17.39 5.45 -16.39
CA HIS A 122 -17.91 5.09 -17.72
C HIS A 122 -18.88 6.16 -18.23
N HIS A 123 -19.81 6.56 -17.37
CA HIS A 123 -20.83 7.54 -17.73
C HIS A 123 -20.23 8.91 -18.01
N TYR A 124 -19.19 9.26 -17.26
CA TYR A 124 -18.43 10.49 -17.49
C TYR A 124 -17.84 10.50 -18.90
N TYR A 125 -17.18 9.41 -19.29
CA TYR A 125 -16.61 9.40 -20.64
C TYR A 125 -17.69 9.37 -21.73
N GLU A 126 -18.77 8.65 -21.46
CA GLU A 126 -19.95 8.67 -22.36
C GLU A 126 -20.46 10.09 -22.60
N GLU A 127 -20.68 10.84 -21.52
CA GLU A 127 -21.17 12.21 -21.67
C GLU A 127 -20.19 13.08 -22.50
N ILE A 128 -18.89 12.97 -22.26
CA ILE A 128 -17.93 13.77 -23.03
C ILE A 128 -18.01 13.40 -24.53
N SER A 129 -18.15 12.11 -24.81
CA SER A 129 -18.19 11.62 -26.20
C SER A 129 -19.32 12.20 -27.03
N LYS A 130 -20.46 12.46 -26.41
CA LYS A 130 -21.61 13.02 -27.14
C LYS A 130 -21.39 14.46 -27.59
N ALA A 131 -20.43 15.15 -26.97
CA ALA A 131 -20.25 16.59 -27.20
C ALA A 131 -19.70 16.95 -28.57
N ALA A 132 -18.82 16.12 -29.11
CA ALA A 132 -18.13 16.44 -30.37
C ALA A 132 -17.49 15.19 -30.91
N ASP A 133 -17.39 15.16 -32.23
CA ASP A 133 -16.74 14.07 -32.94
C ASP A 133 -15.27 14.39 -33.11
N ILE A 134 -14.50 13.96 -32.12
CA ILE A 134 -13.07 14.19 -32.08
C ILE A 134 -12.49 13.01 -31.30
N PRO A 135 -11.34 12.48 -31.71
CA PRO A 135 -10.85 11.28 -31.02
C PRO A 135 -10.52 11.57 -29.57
N MET A 136 -10.85 10.62 -28.69
CA MET A 136 -10.59 10.72 -27.26
C MET A 136 -9.56 9.69 -26.80
N LEU A 137 -8.61 10.16 -25.98
CA LEU A 137 -7.71 9.28 -25.24
C LEU A 137 -8.14 9.29 -23.78
N ILE A 138 -8.57 8.14 -23.26
CA ILE A 138 -8.94 8.07 -21.86
C ILE A 138 -7.67 7.90 -21.01
N TYR A 139 -7.75 8.22 -19.73
CA TYR A 139 -6.62 8.01 -18.87
C TYR A 139 -6.70 6.62 -18.32
N TYR A 140 -5.56 5.93 -18.27
CA TYR A 140 -5.54 4.63 -17.68
C TYR A 140 -5.91 4.69 -16.20
N LEU A 141 -6.72 3.70 -15.81
CA LEU A 141 -7.35 3.59 -14.51
C LEU A 141 -6.91 2.24 -13.94
N PRO A 142 -6.02 2.25 -12.93
CA PRO A 142 -5.49 1.01 -12.30
C PRO A 142 -6.60 0.22 -11.62
N VAL A 149 -7.96 -2.07 -11.85
CA VAL A 149 -9.01 -2.42 -12.81
C VAL A 149 -8.50 -3.46 -13.81
N SER A 150 -9.34 -4.43 -14.12
CA SER A 150 -8.96 -5.53 -15.00
C SER A 150 -8.75 -5.02 -16.42
N THR A 151 -7.97 -5.77 -17.20
CA THR A 151 -7.76 -5.48 -18.61
C THR A 151 -9.09 -5.45 -19.37
N ASP A 152 -9.97 -6.39 -19.05
CA ASP A 152 -11.27 -6.51 -19.71
C ASP A 152 -12.20 -5.35 -19.36
N GLN A 153 -12.15 -4.90 -18.12
CA GLN A 153 -13.02 -3.84 -17.63
C GLN A 153 -12.61 -2.51 -18.27
N PHE A 154 -11.31 -2.31 -18.46
CA PHE A 154 -10.82 -1.11 -19.09
C PHE A 154 -11.24 -1.04 -20.56
N GLY A 155 -11.41 -2.21 -21.17
CA GLY A 155 -11.84 -2.31 -22.56
C GLY A 155 -13.24 -1.77 -22.78
N LYS A 156 -14.08 -1.85 -21.75
CA LYS A 156 -15.40 -1.24 -21.79
C LYS A 156 -15.31 0.28 -21.96
N LEU A 157 -14.32 0.90 -21.30
CA LEU A 157 -14.10 2.34 -21.49
C LEU A 157 -13.55 2.61 -22.87
N LEU A 158 -12.65 1.74 -23.33
CA LEU A 158 -12.02 1.91 -24.66
C LEU A 158 -13.03 1.84 -25.80
N GLU A 159 -14.17 1.20 -25.54
CA GLU A 159 -15.18 0.98 -26.57
C GLU A 159 -16.16 2.14 -26.73
N ILE A 160 -16.10 3.08 -25.80
CA ILE A 160 -16.98 4.26 -25.85
C ILE A 160 -16.81 5.01 -27.17
N LYS A 161 -17.93 5.51 -27.72
CA LYS A 161 -17.90 6.26 -28.96
C LYS A 161 -16.78 7.32 -28.98
N ASN A 162 -16.00 7.32 -30.07
CA ASN A 162 -14.91 8.29 -30.30
C ASN A 162 -13.63 8.03 -29.52
N VAL A 163 -13.66 7.06 -28.60
CA VAL A 163 -12.43 6.71 -27.87
C VAL A 163 -11.50 5.91 -28.79
N ILE A 164 -10.29 6.42 -29.01
CA ILE A 164 -9.37 5.69 -29.90
C ILE A 164 -8.29 4.94 -29.12
N GLY A 165 -8.25 5.16 -27.81
CA GLY A 165 -7.17 4.55 -26.99
C GLY A 165 -7.03 5.26 -25.66
N SER A 166 -5.84 5.23 -25.09
CA SER A 166 -5.66 5.71 -23.75
C SER A 166 -4.29 6.33 -23.61
N LYS A 167 -4.18 7.32 -22.72
CA LYS A 167 -2.90 7.82 -22.26
C LYS A 167 -2.54 6.96 -21.05
N TYR A 168 -1.45 6.18 -21.18
CA TYR A 168 -1.05 5.21 -20.18
C TYR A 168 0.11 5.79 -19.32
N GLY A 169 -0.22 6.21 -18.10
CA GLY A 169 0.80 6.84 -17.25
C GLY A 169 1.23 6.03 -16.04
N ALA A 170 0.76 4.81 -15.89
CA ALA A 170 1.12 4.03 -14.71
C ALA A 170 2.54 3.45 -14.76
N THR A 171 3.08 3.11 -13.59
CA THR A 171 4.38 2.43 -13.51
C THR A 171 4.30 0.90 -13.72
N ASP A 172 3.09 0.42 -14.00
CA ASP A 172 2.86 -1.00 -14.09
C ASP A 172 3.05 -1.40 -15.57
N LEU A 173 4.23 -1.94 -15.89
CA LEU A 173 4.50 -2.33 -17.27
C LEU A 173 3.86 -3.66 -17.67
N PHE A 174 3.42 -4.44 -16.68
CA PHE A 174 2.70 -5.69 -16.97
C PHE A 174 1.29 -5.32 -17.46
N ALA A 175 0.59 -4.44 -16.75
CA ALA A 175 -0.73 -4.01 -17.22
C ALA A 175 -0.63 -3.40 -18.61
N PHE A 176 0.46 -2.68 -18.89
CA PHE A 176 0.66 -2.08 -20.20
C PHE A 176 0.77 -3.18 -21.25
N GLU A 177 1.56 -4.19 -20.92
CA GLU A 177 1.78 -5.29 -21.85
C GLU A 177 0.45 -5.98 -22.15
N ARG A 178 -0.36 -6.20 -21.11
CA ARG A 178 -1.66 -6.84 -21.26
C ARG A 178 -2.60 -6.04 -22.15
N LEU A 179 -2.60 -4.71 -21.98
CA LEU A 179 -3.40 -3.83 -22.84
C LEU A 179 -2.98 -3.92 -24.29
N MET A 180 -1.67 -3.91 -24.51
CA MET A 180 -1.14 -3.97 -25.86
C MET A 180 -1.51 -5.31 -26.52
N SER A 181 -1.50 -6.38 -25.73
CA SER A 181 -1.87 -7.69 -26.25
C SER A 181 -3.36 -7.71 -26.65
N LYS A 182 -4.21 -7.16 -25.79
CA LYS A 182 -5.67 -7.29 -25.95
C LYS A 182 -6.25 -6.30 -26.97
N TYR A 183 -5.61 -5.13 -27.09
CA TYR A 183 -6.21 -4.03 -27.87
C TYR A 183 -5.24 -3.51 -28.95
N PRO A 184 -4.88 -4.36 -29.92
CA PRO A 184 -3.89 -3.95 -30.92
C PRO A 184 -4.34 -2.80 -31.82
N ASP A 185 -5.64 -2.59 -31.96
CA ASP A 185 -6.12 -1.46 -32.80
C ASP A 185 -6.55 -0.23 -32.00
N LYS A 186 -6.19 -0.21 -30.71
CA LYS A 186 -6.37 1.00 -29.94
C LYS A 186 -4.99 1.65 -29.82
N LEU A 187 -4.99 2.97 -29.69
CA LEU A 187 -3.77 3.74 -29.60
C LEU A 187 -3.42 3.95 -28.13
N PHE A 188 -2.20 3.58 -27.74
CA PHE A 188 -1.78 3.80 -26.36
C PHE A 188 -0.61 4.76 -26.40
N MET A 189 -0.81 5.96 -25.85
CA MET A 189 0.24 6.95 -25.74
C MET A 189 0.97 6.70 -24.41
N PHE A 190 2.27 6.42 -24.47
CA PHE A 190 3.00 5.98 -23.28
C PHE A 190 3.50 7.21 -22.48
N ALA A 191 3.10 7.31 -21.22
CA ALA A 191 3.30 8.55 -20.46
C ALA A 191 4.16 8.35 -19.21
N TRP A 192 5.07 7.39 -19.24
CA TRP A 192 6.02 7.24 -18.13
C TRP A 192 7.44 7.43 -18.68
N ASP A 193 7.93 8.67 -18.58
CA ASP A 193 9.15 9.10 -19.23
C ASP A 193 10.34 8.21 -18.87
N GLU A 194 10.41 7.81 -17.61
CA GLU A 194 11.54 6.99 -17.15
C GLU A 194 11.56 5.57 -17.71
N ALA A 195 10.54 5.20 -18.47
CA ALA A 195 10.46 3.85 -18.99
C ALA A 195 10.27 3.84 -20.48
N LEU A 196 10.71 4.92 -21.13
CA LEU A 196 10.52 5.09 -22.57
C LEU A 196 10.88 3.84 -23.37
N ALA A 197 12.11 3.35 -23.16
CA ALA A 197 12.62 2.22 -23.92
C ALA A 197 11.85 0.94 -23.60
N MET A 198 11.39 0.81 -22.37
CA MET A 198 10.59 -0.33 -22.01
C MET A 198 9.22 -0.25 -22.73
N GLY A 199 8.66 0.96 -22.81
CA GLY A 199 7.44 1.22 -23.57
C GLY A 199 7.62 0.85 -25.05
N LEU A 200 8.69 1.34 -25.68
CA LEU A 200 8.98 0.99 -27.08
C LEU A 200 9.04 -0.52 -27.28
N THR A 201 9.73 -1.18 -26.37
CA THR A 201 9.92 -2.63 -26.44
C THR A 201 8.58 -3.39 -26.44
N MET A 202 7.57 -2.85 -25.77
CA MET A 202 6.27 -3.50 -25.79
C MET A 202 5.28 -2.87 -26.81
N GLY A 203 5.80 -2.02 -27.71
CA GLY A 203 4.99 -1.55 -28.85
C GLY A 203 4.47 -0.11 -28.84
N ALA A 204 4.77 0.62 -27.77
CA ALA A 204 4.47 2.07 -27.75
C ALA A 204 5.22 2.77 -28.87
N LYS A 205 4.55 3.72 -29.51
CA LYS A 205 5.22 4.48 -30.57
C LYS A 205 5.08 5.98 -30.36
N GLY A 206 4.22 6.34 -29.42
CA GLY A 206 3.93 7.73 -29.09
C GLY A 206 4.09 7.91 -27.60
N PHE A 207 4.70 9.01 -27.21
CA PHE A 207 5.09 9.26 -25.82
C PHE A 207 4.66 10.65 -25.39
N ILE A 208 3.91 10.71 -24.29
CA ILE A 208 3.53 11.99 -23.74
C ILE A 208 4.28 12.16 -22.41
N GLY A 209 4.92 13.30 -22.22
CA GLY A 209 5.65 13.45 -20.95
C GLY A 209 6.14 14.86 -20.68
N SER A 210 6.19 15.19 -19.39
CA SER A 210 6.65 16.49 -18.94
C SER A 210 8.11 16.72 -19.35
N THR A 211 8.92 15.68 -19.30
CA THR A 211 10.38 15.86 -19.45
C THR A 211 10.80 16.16 -20.90
N TYR A 212 9.92 15.89 -21.85
CA TYR A 212 10.25 16.15 -23.26
C TYR A 212 10.13 17.63 -23.59
N ASN A 213 9.59 18.43 -22.66
CA ASN A 213 9.57 19.89 -22.83
C ASN A 213 10.96 20.46 -23.10
N VAL A 214 12.00 19.90 -22.48
CA VAL A 214 13.33 20.49 -22.60
C VAL A 214 14.41 19.47 -23.00
N ASN A 215 14.04 18.20 -23.07
CA ASN A 215 14.99 17.17 -23.47
C ASN A 215 14.46 16.22 -24.52
N ALA A 216 13.76 16.76 -25.51
CA ALA A 216 13.32 15.94 -26.64
C ALA A 216 14.52 15.30 -27.33
N LYS A 217 15.67 16.00 -27.36
CA LYS A 217 16.85 15.44 -28.00
C LYS A 217 17.28 14.11 -27.33
N GLY A 218 17.31 14.12 -26.01
CA GLY A 218 17.78 12.96 -25.21
C GLY A 218 16.79 11.81 -25.31
N ALA A 219 15.51 12.14 -25.42
CA ALA A 219 14.47 11.09 -25.58
C ALA A 219 14.49 10.51 -27.00
N ASN A 220 14.61 11.39 -27.99
CA ASN A 220 14.76 10.93 -29.38
C ASN A 220 15.98 10.07 -29.56
N ALA A 221 17.05 10.35 -28.82
CA ALA A 221 18.26 9.56 -28.97
C ALA A 221 17.97 8.12 -28.60
N ILE A 222 17.14 7.94 -27.57
CA ILE A 222 16.75 6.59 -27.13
C ILE A 222 15.92 5.90 -28.22
N ILE A 223 14.95 6.61 -28.75
CA ILE A 223 14.08 6.06 -29.80
C ILE A 223 14.93 5.67 -31.02
N LYS A 224 15.82 6.56 -31.43
CA LYS A 224 16.67 6.27 -32.62
C LYS A 224 17.58 5.07 -32.38
N ALA A 225 18.17 5.00 -31.20
CA ALA A 225 19.01 3.84 -30.85
C ALA A 225 18.20 2.53 -30.84
N TRP A 226 16.97 2.61 -30.32
CA TRP A 226 16.09 1.46 -30.27
C TRP A 226 15.74 1.02 -31.67
N GLU A 227 15.34 1.96 -32.54
CA GLU A 227 15.00 1.62 -33.94
C GLU A 227 16.21 1.05 -34.68
N ALA A 228 17.41 1.52 -34.31
CA ALA A 228 18.66 1.08 -34.96
C ALA A 228 19.20 -0.24 -34.39
N ASN A 229 18.50 -0.80 -33.41
CA ASN A 229 18.90 -2.05 -32.77
C ASN A 229 20.22 -1.95 -32.04
N ASP A 230 20.55 -0.75 -31.57
CA ASP A 230 21.78 -0.54 -30.84
C ASP A 230 21.42 -0.73 -29.36
N LYS A 231 21.40 -2.00 -28.94
CA LYS A 231 20.88 -2.36 -27.61
C LYS A 231 21.65 -1.70 -26.49
N GLU A 232 22.98 -1.66 -26.64
CA GLU A 232 23.83 -1.03 -25.65
C GLU A 232 23.55 0.46 -25.50
N ALA A 233 23.33 1.14 -26.63
CA ALA A 233 23.05 2.58 -26.60
C ALA A 233 21.71 2.86 -25.94
N VAL A 234 20.73 2.00 -26.20
CA VAL A 234 19.41 2.16 -25.56
C VAL A 234 19.61 2.16 -24.03
N MET A 235 20.39 1.20 -23.54
CA MET A 235 20.70 1.14 -22.09
C MET A 235 21.40 2.39 -21.58
N LYS A 236 22.51 2.75 -22.24
CA LYS A 236 23.34 3.87 -21.80
C LYS A 236 22.54 5.18 -21.85
N LEU A 237 21.82 5.40 -22.96
CA LEU A 237 21.05 6.65 -23.13
C LEU A 237 19.85 6.71 -22.17
N THR A 238 19.31 5.55 -21.81
CA THR A 238 18.26 5.50 -20.80
C THR A 238 18.84 5.86 -19.42
N HIS A 239 20.02 5.31 -19.10
CA HIS A 239 20.63 5.64 -17.79
C HIS A 239 20.87 7.14 -17.70
N THR A 240 21.37 7.72 -18.80
CA THR A 240 21.57 9.17 -18.85
C THR A 240 20.26 9.93 -18.71
N TYR A 241 19.26 9.55 -19.49
CA TYR A 241 17.95 10.19 -19.43
C TYR A 241 17.34 10.13 -18.03
N ASN A 242 17.45 8.98 -17.40
CA ASN A 242 16.82 8.85 -16.08
C ASN A 242 17.61 9.57 -15.02
N ASP A 243 18.92 9.69 -15.22
CA ASP A 243 19.75 10.57 -14.37
C ASP A 243 19.18 11.98 -14.49
N TYR A 244 18.92 12.38 -15.72
CA TYR A 244 18.37 13.71 -16.02
C TYR A 244 17.05 13.93 -15.34
N VAL A 245 16.14 12.96 -15.47
CA VAL A 245 14.82 13.13 -14.85
C VAL A 245 14.93 13.32 -13.34
N LEU A 246 15.70 12.46 -12.67
CA LEU A 246 15.88 12.57 -11.22
C LEU A 246 16.55 13.91 -10.82
N ASP A 247 17.53 14.34 -11.61
CA ASP A 247 18.21 15.62 -11.34
C ASP A 247 17.20 16.76 -11.53
N LEU A 248 16.42 16.68 -12.62
CA LEU A 248 15.43 17.72 -12.93
C LEU A 248 14.45 17.94 -11.78
N ILE A 249 13.93 16.84 -11.24
CA ILE A 249 12.89 16.91 -10.22
C ILE A 249 13.46 17.02 -8.82
N SER A 250 14.75 17.27 -8.70
CA SER A 250 15.26 17.57 -7.36
C SER A 250 14.76 18.95 -6.90
N LYS A 251 14.22 19.73 -7.83
CA LYS A 251 13.42 20.90 -7.48
C LYS A 251 12.09 20.71 -8.20
N GLY A 252 11.10 21.54 -7.90
CA GLY A 252 9.78 21.37 -8.49
C GLY A 252 9.83 21.18 -9.99
N LEU A 253 9.06 20.22 -10.50
CA LEU A 253 9.08 19.89 -11.93
C LEU A 253 8.72 21.09 -12.81
N MET A 254 7.52 21.66 -12.59
CA MET A 254 7.07 22.75 -13.48
C MET A 254 7.95 24.00 -13.34
N GLN A 255 8.38 24.29 -12.10
CA GLN A 255 9.28 25.42 -11.86
C GLN A 255 10.59 25.23 -12.61
N SER A 256 11.09 23.99 -12.63
CA SER A 256 12.35 23.68 -13.29
C SER A 256 12.22 23.75 -14.80
N LEU A 257 11.15 23.16 -15.32
CA LEU A 257 10.91 23.25 -16.79
C LEU A 257 10.81 24.71 -17.23
N LYS A 258 10.04 25.50 -16.48
CA LYS A 258 9.86 26.91 -16.85
C LYS A 258 11.18 27.67 -16.77
N ALA A 259 11.94 27.41 -15.71
CA ALA A 259 13.26 28.06 -15.56
C ALA A 259 14.22 27.72 -16.68
N ILE A 260 14.20 26.47 -17.11
CA ILE A 260 15.05 26.04 -18.22
C ILE A 260 14.64 26.77 -19.49
N MET A 261 13.34 26.83 -19.75
CA MET A 261 12.86 27.59 -20.89
C MET A 261 13.28 29.05 -20.81
N ARG A 262 13.07 29.68 -19.65
CA ARG A 262 13.49 31.09 -19.47
C ARG A 262 14.97 31.29 -19.75
N LEU A 263 15.79 30.37 -19.25
CA LEU A 263 17.24 30.36 -19.51
C LEU A 263 17.55 30.31 -21.00
N HIS A 264 16.67 29.69 -21.79
CA HIS A 264 16.85 29.62 -23.25
C HIS A 264 16.13 30.78 -23.98
N GLY A 265 15.78 31.81 -23.22
CA GLY A 265 15.16 33.06 -23.73
C GLY A 265 13.67 32.95 -24.05
N VAL A 266 13.03 31.90 -23.54
CA VAL A 266 11.62 31.64 -23.79
C VAL A 266 10.81 32.21 -22.61
N ASP A 267 9.84 33.04 -22.93
CA ASP A 267 9.03 33.71 -21.92
C ASP A 267 8.00 32.75 -21.31
N ALA A 268 8.51 31.70 -20.65
CA ALA A 268 7.68 30.63 -20.12
C ALA A 268 7.00 30.94 -18.80
N GLY A 269 7.42 32.03 -18.14
CA GLY A 269 6.75 32.48 -16.92
C GLY A 269 6.96 31.59 -15.72
N TYR A 270 6.00 31.61 -14.81
CA TYR A 270 6.09 30.93 -13.51
C TYR A 270 4.90 30.03 -13.26
N THR A 271 5.04 29.19 -12.23
CA THR A 271 3.92 28.38 -11.76
C THR A 271 2.96 29.23 -10.96
N ARG A 272 1.73 28.75 -10.85
CA ARG A 272 0.73 29.34 -9.95
C ARG A 272 0.76 28.70 -8.58
N LYS A 273 0.27 29.43 -7.59
CA LYS A 273 0.04 28.88 -6.26
C LYS A 273 -0.93 27.70 -6.33
N PRO A 274 -0.75 26.69 -5.47
CA PRO A 274 0.17 26.65 -4.34
C PRO A 274 1.57 26.04 -4.60
N PHE A 275 1.97 25.90 -5.86
CA PHE A 275 3.32 25.44 -6.16
C PHE A 275 4.36 26.41 -5.58
N TRP A 276 5.43 25.82 -5.06
CA TRP A 276 6.51 26.58 -4.44
C TRP A 276 7.15 27.53 -5.43
N ARG A 277 7.29 28.80 -5.02
CA ARG A 277 8.05 29.79 -5.80
C ARG A 277 9.47 29.87 -5.27
N TYR A 278 10.45 29.49 -6.10
CA TYR A 278 11.85 29.48 -5.67
C TYR A 278 12.44 30.88 -5.76
N GLU A 279 13.56 31.14 -5.10
CA GLU A 279 14.26 32.40 -5.37
C GLU A 279 14.80 32.32 -6.81
N ASP A 280 14.80 33.46 -7.52
CA ASP A 280 15.15 33.43 -8.94
C ASP A 280 16.57 32.90 -9.18
N GLU A 281 17.50 33.22 -8.29
CA GLU A 281 18.88 32.75 -8.49
C GLU A 281 19.00 31.25 -8.25
N GLU A 282 18.31 30.75 -7.21
CA GLU A 282 18.31 29.32 -6.89
C GLU A 282 17.78 28.48 -8.08
N ILE A 283 16.66 28.88 -8.64
CA ILE A 283 16.05 28.07 -9.70
C ILE A 283 16.83 28.27 -11.00
N LYS A 284 17.42 29.45 -11.20
CA LYS A 284 18.27 29.70 -12.37
C LYS A 284 19.50 28.79 -12.38
N LYS A 285 20.14 28.64 -11.22
CA LYS A 285 21.30 27.77 -11.16
C LYS A 285 20.93 26.31 -11.40
N HIS A 286 19.79 25.90 -10.87
CA HIS A 286 19.23 24.60 -11.18
C HIS A 286 19.04 24.45 -12.69
N ALA A 287 18.46 25.46 -13.35
CA ALA A 287 18.28 25.41 -14.80
C ALA A 287 19.58 25.28 -15.55
N GLU A 288 20.60 26.05 -15.13
CA GLU A 288 21.92 25.95 -15.75
C GLU A 288 22.54 24.60 -15.53
N PHE A 289 22.48 24.09 -14.29
CA PHE A 289 22.99 22.74 -13.96
C PHE A 289 22.40 21.68 -14.90
N ILE A 290 21.07 21.64 -14.99
CA ILE A 290 20.42 20.67 -15.92
C ILE A 290 20.86 20.88 -17.38
N THR A 291 20.79 22.12 -17.84
CA THR A 291 21.14 22.49 -19.21
C THR A 291 22.57 22.07 -19.59
N ASP A 292 23.54 22.45 -18.75
CA ASP A 292 24.93 22.16 -19.04
C ASP A 292 25.23 20.67 -18.95
N LYS A 293 24.60 19.98 -18.01
CA LYS A 293 24.86 18.54 -17.84
C LYS A 293 24.23 17.69 -18.94
N TYR A 294 22.99 18.02 -19.30
CA TYR A 294 22.20 17.12 -20.17
C TYR A 294 21.81 17.67 -21.52
N LEU A 295 21.71 19.00 -21.66
CA LEU A 295 20.95 19.60 -22.77
C LEU A 295 21.75 20.35 -23.82
N LYS A 296 23.06 20.27 -23.77
CA LYS A 296 23.85 20.92 -24.80
C LYS A 296 23.85 20.13 -26.11
N MET B 1 32.15 -5.45 -19.66
CA MET B 1 31.21 -5.39 -20.83
C MET B 1 30.52 -6.73 -21.17
N HIS B 2 31.21 -7.88 -21.03
CA HIS B 2 30.52 -9.19 -21.17
C HIS B 2 30.78 -10.11 -19.96
N ASN B 3 30.58 -9.55 -18.77
CA ASN B 3 30.87 -10.28 -17.54
C ASN B 3 29.89 -11.44 -17.30
N PHE B 4 30.27 -12.32 -16.39
CA PHE B 4 29.36 -13.31 -15.80
C PHE B 4 28.76 -14.21 -16.85
N ASP B 5 29.62 -14.67 -17.78
CA ASP B 5 29.16 -15.51 -18.86
C ASP B 5 28.37 -16.76 -18.42
N LYS B 6 28.86 -17.45 -17.39
CA LYS B 6 28.20 -18.70 -16.95
C LYS B 6 26.81 -18.44 -16.37
N PHE B 7 26.51 -17.18 -16.05
CA PHE B 7 25.21 -16.80 -15.50
C PHE B 7 24.22 -16.28 -16.53
N LYS B 8 24.58 -16.36 -17.82
CA LYS B 8 23.67 -15.97 -18.87
C LYS B 8 22.57 -17.00 -19.12
N GLY B 9 21.39 -16.53 -19.52
CA GLY B 9 20.36 -17.45 -20.02
C GLY B 9 19.30 -17.78 -18.97
N LEU B 10 18.68 -18.95 -19.11
CA LEU B 10 17.50 -19.25 -18.31
C LEU B 10 17.85 -20.23 -17.21
N PHE B 11 17.42 -19.88 -15.99
CA PHE B 11 17.65 -20.69 -14.80
C PHE B 11 16.27 -20.93 -14.19
N PRO B 12 15.64 -22.05 -14.52
CA PRO B 12 14.42 -22.40 -13.79
C PRO B 12 14.70 -22.45 -12.28
N ALA B 13 13.74 -21.97 -11.51
CA ALA B 13 13.74 -22.12 -10.08
C ALA B 13 13.13 -23.49 -9.82
N MET B 14 14.00 -24.48 -9.65
CA MET B 14 13.61 -25.88 -9.68
C MET B 14 12.64 -26.27 -8.58
N VAL B 15 11.62 -27.04 -8.95
CA VAL B 15 10.67 -27.62 -7.98
C VAL B 15 11.40 -28.77 -7.29
N THR B 16 11.00 -29.07 -6.05
CA THR B 16 11.62 -30.17 -5.30
C THR B 16 10.58 -31.31 -5.16
N PRO B 17 10.84 -32.46 -5.80
CA PRO B 17 9.88 -33.55 -5.76
C PRO B 17 9.68 -34.16 -4.36
N PHE B 18 8.41 -34.25 -3.98
CA PHE B 18 8.00 -35.02 -2.80
C PHE B 18 7.07 -36.14 -3.23
N THR B 19 7.05 -37.23 -2.45
CA THR B 19 6.06 -38.27 -2.68
C THR B 19 4.69 -37.75 -2.22
N LYS B 20 3.62 -38.43 -2.63
CA LYS B 20 2.27 -38.07 -2.14
C LYS B 20 2.17 -37.96 -0.62
N ASP B 21 2.95 -38.77 0.07
CA ASP B 21 2.96 -38.78 1.53
C ASP B 21 3.88 -37.76 2.16
N GLY B 22 4.56 -36.95 1.37
CA GLY B 22 5.40 -35.88 1.92
C GLY B 22 6.87 -36.19 2.10
N LYS B 23 7.35 -37.34 1.63
CA LYS B 23 8.78 -37.67 1.77
C LYS B 23 9.53 -37.05 0.62
N LEU B 24 10.77 -36.66 0.85
CA LEU B 24 11.65 -36.20 -0.25
C LEU B 24 11.77 -37.32 -1.27
N HIS B 25 11.49 -37.01 -2.54
CA HIS B 25 11.50 -38.05 -3.54
C HIS B 25 12.82 -37.96 -4.28
N LYS B 26 13.82 -38.65 -3.74
CA LYS B 26 15.20 -38.54 -4.24
C LYS B 26 15.38 -38.85 -5.72
N ALA B 27 14.83 -39.98 -6.19
CA ALA B 27 14.91 -40.30 -7.61
C ALA B 27 14.26 -39.20 -8.44
N GLY B 28 13.23 -38.56 -7.89
CA GLY B 28 12.50 -37.51 -8.63
C GLY B 28 13.38 -36.31 -8.87
N VAL B 29 14.23 -35.99 -7.89
CA VAL B 29 15.18 -34.87 -8.03
C VAL B 29 16.04 -35.01 -9.28
N LYS B 30 16.62 -36.20 -9.46
CA LYS B 30 17.41 -36.48 -10.63
C LYS B 30 16.62 -36.37 -11.93
N GLU B 31 15.40 -36.91 -11.93
CA GLU B 31 14.55 -36.84 -13.13
C GLU B 31 14.26 -35.40 -13.54
N VAL B 32 13.97 -34.57 -12.54
CA VAL B 32 13.70 -33.14 -12.78
C VAL B 32 14.92 -32.45 -13.36
N VAL B 33 16.08 -32.67 -12.76
CA VAL B 33 17.32 -32.11 -13.29
C VAL B 33 17.55 -32.53 -14.75
N ASN B 34 17.45 -33.82 -15.04
CA ASN B 34 17.61 -34.29 -16.42
C ASN B 34 16.57 -33.69 -17.38
N PHE B 35 15.34 -33.51 -16.92
CA PHE B 35 14.31 -32.93 -17.76
C PHE B 35 14.71 -31.47 -18.08
N LEU B 36 15.15 -30.73 -17.07
CA LEU B 36 15.53 -29.33 -17.29
C LEU B 36 16.71 -29.18 -18.23
N VAL B 37 17.76 -29.98 -18.02
CA VAL B 37 18.96 -29.89 -18.85
C VAL B 37 18.69 -30.39 -20.28
N GLU B 38 18.04 -31.54 -20.39
CA GLU B 38 17.94 -32.25 -21.67
C GLU B 38 16.72 -31.86 -22.51
N LYS B 39 15.59 -31.58 -21.86
CA LYS B 39 14.36 -31.32 -22.59
C LYS B 39 14.07 -29.83 -22.66
N GLN B 40 14.18 -29.16 -21.50
CA GLN B 40 13.98 -27.70 -21.44
C GLN B 40 15.20 -26.93 -22.01
N LYS B 41 16.33 -27.61 -22.03
CA LYS B 41 17.57 -27.05 -22.57
C LYS B 41 18.01 -25.77 -21.85
N VAL B 42 17.91 -25.80 -20.52
CA VAL B 42 18.24 -24.62 -19.72
C VAL B 42 19.74 -24.32 -19.62
N ASP B 43 20.08 -23.09 -19.26
CA ASP B 43 21.48 -22.67 -19.11
C ASP B 43 21.99 -22.91 -17.72
N GLY B 44 21.05 -23.02 -16.79
CA GLY B 44 21.39 -23.30 -15.40
C GLY B 44 20.16 -23.67 -14.59
N ILE B 45 20.38 -24.00 -13.33
CA ILE B 45 19.29 -24.35 -12.44
C ILE B 45 19.49 -23.66 -11.09
N TYR B 46 18.41 -23.06 -10.59
CA TYR B 46 18.36 -22.38 -9.31
C TYR B 46 17.58 -23.25 -8.34
N ILE B 47 18.25 -23.82 -7.35
CA ILE B 47 17.61 -24.81 -6.49
C ILE B 47 17.26 -24.30 -5.10
N THR B 48 16.35 -25.03 -4.46
CA THR B 48 15.88 -24.78 -3.09
C THR B 48 15.58 -23.31 -2.80
N GLY B 49 15.00 -22.65 -3.79
CA GLY B 49 14.40 -21.35 -3.62
C GLY B 49 12.94 -21.51 -3.22
N SER B 50 12.18 -20.41 -3.25
CA SER B 50 10.76 -20.46 -2.91
C SER B 50 10.01 -21.50 -3.72
N THR B 51 10.28 -21.52 -5.02
CA THR B 51 9.62 -22.47 -5.94
C THR B 51 9.99 -23.94 -5.61
N GLY B 52 11.14 -24.10 -4.95
CA GLY B 52 11.61 -25.41 -4.49
C GLY B 52 11.08 -25.80 -3.12
N GLU B 53 10.14 -25.01 -2.61
CA GLU B 53 9.50 -25.28 -1.32
C GLU B 53 10.50 -25.35 -0.17
N PHE B 54 11.49 -24.47 -0.20
CA PHE B 54 12.65 -24.68 0.68
C PHE B 54 12.31 -24.58 2.18
N LEU B 55 11.32 -23.77 2.54
CA LEU B 55 10.88 -23.64 3.94
C LEU B 55 10.20 -24.90 4.46
N LEU B 56 9.84 -25.79 3.54
CA LEU B 56 9.22 -27.08 3.87
C LEU B 56 10.23 -28.21 3.91
N LEU B 57 11.51 -27.88 3.66
CA LEU B 57 12.59 -28.89 3.72
C LEU B 57 13.28 -28.87 5.05
N SER B 58 13.61 -30.07 5.54
CA SER B 58 14.51 -30.20 6.68
C SER B 58 15.93 -29.86 6.26
N PHE B 59 16.79 -29.63 7.24
CA PHE B 59 18.21 -29.38 6.96
C PHE B 59 18.84 -30.54 6.19
N GLU B 60 18.56 -31.77 6.63
CA GLU B 60 19.07 -32.93 5.90
C GLU B 60 18.49 -33.06 4.48
N ASP B 61 17.20 -32.73 4.31
CA ASP B 61 16.54 -32.70 2.99
C ASP B 61 17.29 -31.73 2.07
N LYS B 62 17.65 -30.56 2.59
CA LYS B 62 18.35 -29.54 1.77
C LYS B 62 19.69 -30.05 1.26
N LYS B 63 20.46 -30.63 2.19
CA LYS B 63 21.75 -31.22 1.83
C LYS B 63 21.57 -32.28 0.76
N GLU B 64 20.56 -33.14 0.94
CA GLU B 64 20.32 -34.21 -0.02
C GLU B 64 19.94 -33.64 -1.39
N VAL B 65 19.04 -32.65 -1.43
CA VAL B 65 18.70 -32.06 -2.71
C VAL B 65 19.95 -31.48 -3.40
N MET B 66 20.80 -30.80 -2.65
CA MET B 66 21.99 -30.15 -3.22
C MET B 66 22.94 -31.22 -3.79
N LYS B 67 23.09 -32.32 -3.06
CA LYS B 67 23.91 -33.43 -3.55
C LYS B 67 23.31 -34.07 -4.80
N LEU B 68 22.00 -34.32 -4.77
CA LEU B 68 21.37 -35.05 -5.87
C LEU B 68 21.39 -34.22 -7.15
N VAL B 69 21.16 -32.92 -7.02
CA VAL B 69 21.25 -32.00 -8.18
C VAL B 69 22.68 -31.98 -8.76
N ALA B 70 23.69 -31.86 -7.91
CA ALA B 70 25.07 -31.81 -8.40
C ALA B 70 25.40 -33.12 -9.10
N GLU B 71 24.96 -34.24 -8.52
CA GLU B 71 25.18 -35.56 -9.13
C GLU B 71 24.51 -35.72 -10.52
N ALA B 72 23.23 -35.37 -10.60
CA ALA B 72 22.47 -35.48 -11.84
C ALA B 72 22.98 -34.52 -12.91
N ASN B 73 23.23 -33.28 -12.49
CA ASN B 73 23.80 -32.29 -13.41
C ASN B 73 25.13 -32.75 -14.01
N ALA B 74 26.03 -33.26 -13.18
CA ALA B 74 27.34 -33.76 -13.66
C ALA B 74 28.04 -32.70 -14.50
N GLY B 75 27.96 -31.46 -14.00
CA GLY B 75 28.65 -30.30 -14.57
C GLY B 75 28.07 -29.72 -15.85
N ARG B 76 26.90 -30.19 -16.28
CA ARG B 76 26.39 -29.80 -17.60
C ARG B 76 25.98 -28.33 -17.67
N VAL B 77 25.24 -27.86 -16.66
CA VAL B 77 24.76 -26.45 -16.65
C VAL B 77 25.20 -25.77 -15.39
N THR B 78 24.98 -24.46 -15.31
CA THR B 78 25.40 -23.68 -14.15
C THR B 78 24.40 -23.96 -13.01
N LEU B 79 24.91 -24.11 -11.78
CA LEU B 79 24.07 -24.36 -10.61
C LEU B 79 24.22 -23.27 -9.56
N ILE B 80 23.07 -22.82 -9.06
CA ILE B 80 23.00 -21.85 -7.99
C ILE B 80 22.06 -22.43 -6.92
N ALA B 81 22.50 -22.41 -5.66
CA ALA B 81 21.67 -22.95 -4.58
C ALA B 81 21.27 -21.83 -3.64
N GLN B 82 19.96 -21.66 -3.50
CA GLN B 82 19.42 -20.79 -2.45
C GLN B 82 19.52 -21.54 -1.12
N ILE B 83 20.24 -20.94 -0.18
CA ILE B 83 20.62 -21.63 1.07
C ILE B 83 20.21 -20.91 2.34
N GLY B 84 19.56 -19.76 2.20
CA GLY B 84 19.21 -18.94 3.34
C GLY B 84 18.00 -19.43 4.11
N SER B 85 17.96 -19.08 5.38
CA SER B 85 16.78 -19.27 6.20
C SER B 85 17.09 -18.49 7.47
N LEU B 86 16.23 -18.61 8.48
CA LEU B 86 16.50 -17.92 9.71
C LEU B 86 17.50 -18.67 10.58
N ASN B 87 17.92 -19.85 10.12
CA ASN B 87 18.93 -20.59 10.86
C ASN B 87 20.30 -20.29 10.26
N ILE B 88 21.03 -19.37 10.90
CA ILE B 88 22.27 -18.88 10.33
C ILE B 88 23.32 -19.97 10.34
N GLU B 89 23.46 -20.70 11.46
CA GLU B 89 24.45 -21.77 11.52
C GLU B 89 24.22 -22.83 10.45
N GLU B 90 22.97 -23.24 10.25
CA GLU B 90 22.68 -24.20 9.15
C GLU B 90 23.03 -23.62 7.78
N THR B 91 22.67 -22.37 7.58
CA THR B 91 23.01 -21.67 6.32
C THR B 91 24.51 -21.68 6.03
N LYS B 92 25.34 -21.46 7.06
CA LYS B 92 26.77 -21.56 6.89
C LYS B 92 27.20 -22.98 6.49
N GLU B 93 26.59 -23.99 7.10
CA GLU B 93 26.93 -25.36 6.69
C GLU B 93 26.54 -25.61 5.23
N LEU B 94 25.38 -25.09 4.81
CA LEU B 94 24.96 -25.26 3.42
C LEU B 94 25.88 -24.52 2.44
N ALA B 95 26.41 -23.37 2.84
CA ALA B 95 27.39 -22.64 2.02
C ALA B 95 28.64 -23.48 1.76
N LYS B 96 29.14 -24.09 2.82
CA LYS B 96 30.30 -24.96 2.73
C LYS B 96 30.02 -26.17 1.87
N LEU B 97 28.83 -26.73 2.00
CA LEU B 97 28.49 -27.88 1.18
C LEU B 97 28.39 -27.47 -0.31
N ALA B 98 27.76 -26.32 -0.57
CA ALA B 98 27.63 -25.82 -1.94
C ALA B 98 29.01 -25.69 -2.57
N LYS B 99 29.95 -25.19 -1.77
CA LYS B 99 31.32 -25.03 -2.23
C LYS B 99 31.97 -26.38 -2.52
N GLU B 100 31.77 -27.33 -1.61
CA GLU B 100 32.34 -28.69 -1.78
C GLU B 100 31.76 -29.38 -3.01
N LEU B 101 30.49 -29.10 -3.30
CA LEU B 101 29.78 -29.66 -4.44
C LEU B 101 29.99 -28.91 -5.77
N LYS B 102 30.80 -27.87 -5.71
CA LYS B 102 31.16 -27.03 -6.86
C LYS B 102 29.96 -26.31 -7.48
N TYR B 103 29.07 -25.82 -6.61
CA TYR B 103 28.01 -24.92 -7.07
C TYR B 103 28.68 -23.66 -7.60
N ASP B 104 28.11 -23.06 -8.64
CA ASP B 104 28.67 -21.85 -9.23
C ASP B 104 28.38 -20.62 -8.42
N ALA B 105 27.31 -20.67 -7.65
CA ALA B 105 26.99 -19.58 -6.72
C ALA B 105 26.00 -20.09 -5.71
N ILE B 106 25.85 -19.32 -4.63
CA ILE B 106 24.76 -19.49 -3.68
C ILE B 106 23.96 -18.23 -3.65
N SER B 107 22.74 -18.30 -3.10
CA SER B 107 21.98 -17.11 -2.83
C SER B 107 21.31 -17.29 -1.49
N ALA B 108 20.79 -16.21 -0.93
CA ALA B 108 20.13 -16.32 0.36
C ALA B 108 19.03 -15.27 0.42
N ILE B 109 17.81 -15.71 0.68
CA ILE B 109 16.68 -14.80 0.86
C ILE B 109 16.96 -13.84 2.00
N THR B 110 16.32 -12.68 1.94
CA THR B 110 16.28 -11.70 3.00
C THR B 110 15.68 -12.39 4.23
N PRO B 111 16.23 -12.12 5.44
CA PRO B 111 15.61 -12.71 6.64
C PRO B 111 14.13 -12.31 6.69
N TYR B 112 13.27 -13.28 6.97
CA TYR B 112 11.83 -13.09 6.69
C TYR B 112 11.02 -13.17 7.96
N TYR B 113 9.70 -13.07 7.78
CA TYR B 113 8.69 -13.09 8.86
C TYR B 113 8.73 -11.84 9.74
N TYR B 114 9.81 -11.64 10.48
CA TYR B 114 10.01 -10.43 11.25
C TYR B 114 10.44 -9.30 10.35
N ASN B 115 10.26 -8.07 10.82
CA ASN B 115 10.84 -6.91 10.16
C ASN B 115 12.27 -6.69 10.64
N PHE B 116 13.23 -7.27 9.94
CA PHE B 116 14.63 -7.10 10.33
C PHE B 116 15.14 -5.78 9.79
N SER B 117 16.06 -5.17 10.52
CA SER B 117 16.63 -3.88 10.14
C SER B 117 17.66 -4.09 9.06
N PHE B 118 18.08 -2.97 8.45
CA PHE B 118 19.14 -3.03 7.45
C PHE B 118 20.40 -3.61 8.07
N ASN B 119 20.74 -3.18 9.28
CA ASN B 119 21.93 -3.66 9.95
C ASN B 119 21.85 -5.17 10.22
N GLU B 120 20.67 -5.65 10.60
CA GLU B 120 20.49 -7.09 10.86
C GLU B 120 20.65 -7.89 9.56
N THR B 121 20.12 -7.32 8.49
CA THR B 121 20.21 -7.94 7.15
C THR B 121 21.64 -7.95 6.66
N HIS B 122 22.31 -6.81 6.81
CA HIS B 122 23.72 -6.68 6.47
C HIS B 122 24.57 -7.70 7.25
N HIS B 123 24.32 -7.81 8.56
CA HIS B 123 25.08 -8.76 9.37
C HIS B 123 24.84 -10.23 9.00
N TYR B 124 23.60 -10.52 8.65
CA TYR B 124 23.22 -11.87 8.18
C TYR B 124 24.05 -12.25 6.95
N TYR B 125 24.07 -11.36 5.95
CA TYR B 125 24.89 -11.66 4.76
C TYR B 125 26.38 -11.74 5.05
N GLU B 126 26.87 -10.90 5.96
CA GLU B 126 28.28 -10.94 6.36
C GLU B 126 28.64 -12.30 6.97
N GLU B 127 27.82 -12.78 7.89
CA GLU B 127 28.07 -14.09 8.46
C GLU B 127 28.08 -15.22 7.44
N ILE B 128 27.10 -15.21 6.54
CA ILE B 128 27.04 -16.23 5.49
C ILE B 128 28.32 -16.19 4.61
N SER B 129 28.75 -14.98 4.24
CA SER B 129 30.00 -14.78 3.44
C SER B 129 31.27 -15.38 4.02
N LYS B 130 31.41 -15.38 5.33
CA LYS B 130 32.63 -15.92 5.93
C LYS B 130 32.71 -17.44 5.89
N ALA B 131 31.60 -18.10 5.56
CA ALA B 131 31.56 -19.56 5.70
C ALA B 131 32.30 -20.28 4.59
N ALA B 132 32.31 -19.69 3.40
CA ALA B 132 32.89 -20.37 2.24
C ALA B 132 33.21 -19.38 1.14
N ASP B 133 34.28 -19.65 0.39
CA ASP B 133 34.64 -18.79 -0.74
C ASP B 133 33.92 -19.25 -2.02
N ILE B 134 32.71 -18.72 -2.18
CA ILE B 134 31.78 -19.07 -3.27
C ILE B 134 30.94 -17.80 -3.50
N PRO B 135 30.67 -17.46 -4.78
CA PRO B 135 29.94 -16.22 -5.06
C PRO B 135 28.54 -16.27 -4.49
N MET B 136 28.10 -15.15 -3.93
CA MET B 136 26.77 -15.00 -3.33
C MET B 136 25.92 -13.99 -4.09
N LEU B 137 24.68 -14.38 -4.33
CA LEU B 137 23.65 -13.47 -4.85
C LEU B 137 22.73 -13.16 -3.70
N ILE B 138 22.60 -11.89 -3.35
CA ILE B 138 21.66 -11.44 -2.32
C ILE B 138 20.29 -11.24 -2.98
N TYR B 139 19.24 -11.10 -2.19
CA TYR B 139 17.92 -10.83 -2.73
C TYR B 139 17.67 -9.34 -2.69
N TYR B 140 17.00 -8.83 -3.71
CA TYR B 140 16.71 -7.41 -3.72
C TYR B 140 15.72 -7.08 -2.59
N LEU B 141 16.01 -5.95 -1.95
CA LEU B 141 15.39 -5.48 -0.74
C LEU B 141 14.92 -4.04 -1.03
N PRO B 142 13.59 -3.84 -1.23
CA PRO B 142 13.04 -2.47 -1.36
C PRO B 142 12.71 -1.80 -0.04
N VAL B 149 14.90 1.57 1.34
CA VAL B 149 16.27 1.26 0.92
C VAL B 149 16.53 1.76 -0.50
N SER B 150 17.37 2.79 -0.59
CA SER B 150 17.66 3.45 -1.85
C SER B 150 18.68 2.62 -2.66
N THR B 151 18.84 2.98 -3.94
CA THR B 151 19.84 2.34 -4.82
C THR B 151 21.19 2.31 -4.09
N ASP B 152 21.53 3.43 -3.48
CA ASP B 152 22.80 3.59 -2.76
C ASP B 152 22.94 2.66 -1.55
N GLN B 153 21.91 2.62 -0.70
CA GLN B 153 21.94 1.80 0.51
C GLN B 153 22.05 0.30 0.17
N PHE B 154 21.38 -0.12 -0.90
CA PHE B 154 21.48 -1.49 -1.38
C PHE B 154 22.93 -1.85 -1.77
N GLY B 155 23.70 -0.84 -2.18
CA GLY B 155 25.11 -1.03 -2.53
C GLY B 155 25.93 -1.50 -1.36
N LYS B 156 25.51 -1.12 -0.15
CA LYS B 156 26.22 -1.57 1.04
C LYS B 156 26.11 -3.09 1.20
N LEU B 157 24.97 -3.66 0.84
CA LEU B 157 24.83 -5.12 0.77
C LEU B 157 25.63 -5.75 -0.38
N LEU B 158 25.63 -5.09 -1.53
CA LEU B 158 26.34 -5.61 -2.71
C LEU B 158 27.85 -5.68 -2.54
N GLU B 159 28.38 -4.92 -1.60
CA GLU B 159 29.82 -4.82 -1.45
C GLU B 159 30.35 -5.82 -0.42
N ILE B 160 29.45 -6.57 0.21
CA ILE B 160 29.85 -7.60 1.18
C ILE B 160 30.78 -8.63 0.52
N LYS B 161 31.79 -9.10 1.27
CA LYS B 161 32.70 -10.12 0.77
C LYS B 161 31.95 -11.26 0.05
N ASN B 162 32.43 -11.62 -1.15
CA ASN B 162 31.91 -12.72 -1.98
C ASN B 162 30.58 -12.44 -2.70
N VAL B 163 29.92 -11.34 -2.34
CA VAL B 163 28.70 -10.96 -3.06
C VAL B 163 29.01 -10.46 -4.48
N ILE B 164 28.46 -11.13 -5.49
CA ILE B 164 28.71 -10.70 -6.87
C ILE B 164 27.53 -9.94 -7.48
N GLY B 165 26.40 -9.93 -6.78
CA GLY B 165 25.21 -9.26 -7.31
C GLY B 165 23.97 -9.71 -6.57
N SER B 166 22.84 -9.66 -7.27
CA SER B 166 21.57 -9.81 -6.60
C SER B 166 20.58 -10.49 -7.53
N LYS B 167 19.68 -11.27 -6.93
CA LYS B 167 18.53 -11.79 -7.64
C LYS B 167 17.49 -10.70 -7.51
N TYR B 168 17.00 -10.23 -8.64
CA TYR B 168 16.06 -9.09 -8.67
C TYR B 168 14.65 -9.57 -9.03
N GLY B 169 13.79 -9.70 -8.03
CA GLY B 169 12.45 -10.26 -8.25
C GLY B 169 11.30 -9.27 -8.12
N ALA B 170 11.62 -7.99 -7.92
CA ALA B 170 10.59 -6.95 -7.76
C ALA B 170 9.89 -6.56 -9.07
N THR B 171 8.70 -5.99 -8.98
CA THR B 171 8.00 -5.54 -10.19
C THR B 171 8.34 -4.09 -10.55
N ASP B 172 9.30 -3.52 -9.83
CA ASP B 172 9.73 -2.14 -10.01
C ASP B 172 10.85 -2.04 -11.06
N LEU B 173 10.48 -1.70 -12.29
CA LEU B 173 11.46 -1.73 -13.38
C LEU B 173 12.36 -0.49 -13.35
N PHE B 174 11.87 0.57 -12.71
CA PHE B 174 12.70 1.76 -12.55
C PHE B 174 13.83 1.48 -11.56
N ALA B 175 13.51 0.90 -10.41
CA ALA B 175 14.60 0.49 -9.51
C ALA B 175 15.61 -0.42 -10.18
N PHE B 176 15.16 -1.31 -11.07
CA PHE B 176 16.06 -2.23 -11.77
C PHE B 176 16.99 -1.45 -12.70
N GLU B 177 16.40 -0.55 -13.49
CA GLU B 177 17.19 0.34 -14.34
C GLU B 177 18.23 1.11 -13.52
N ARG B 178 17.80 1.66 -12.38
CA ARG B 178 18.72 2.40 -11.50
C ARG B 178 19.89 1.54 -11.01
N LEU B 179 19.61 0.28 -10.63
CA LEU B 179 20.68 -0.62 -10.20
C LEU B 179 21.63 -0.95 -11.34
N MET B 180 21.10 -1.22 -12.52
CA MET B 180 21.96 -1.47 -13.69
C MET B 180 22.87 -0.27 -14.02
N SER B 181 22.38 0.96 -13.81
CA SER B 181 23.18 2.16 -14.05
C SER B 181 24.28 2.29 -13.02
N LYS B 182 23.93 2.05 -11.78
CA LYS B 182 24.81 2.33 -10.66
C LYS B 182 25.85 1.24 -10.39
N TYR B 183 25.49 -0.03 -10.66
CA TYR B 183 26.35 -1.18 -10.34
C TYR B 183 26.65 -2.00 -11.57
N PRO B 184 27.36 -1.42 -12.56
CA PRO B 184 27.62 -2.14 -13.81
C PRO B 184 28.56 -3.32 -13.58
N ASP B 185 29.26 -3.33 -12.43
CA ASP B 185 30.20 -4.41 -12.09
C ASP B 185 29.55 -5.61 -11.37
N LYS B 186 28.28 -5.47 -11.00
CA LYS B 186 27.59 -6.52 -10.27
C LYS B 186 26.62 -7.23 -11.21
N LEU B 187 26.26 -8.45 -10.82
CA LEU B 187 25.42 -9.33 -11.64
C LEU B 187 23.99 -9.21 -11.13
N PHE B 188 23.02 -8.93 -12.02
CA PHE B 188 21.63 -8.93 -11.58
C PHE B 188 20.89 -9.98 -12.33
N MET B 189 20.50 -11.03 -11.62
CA MET B 189 19.72 -12.10 -12.22
C MET B 189 18.24 -11.71 -12.13
N PHE B 190 17.60 -11.58 -13.29
CA PHE B 190 16.28 -10.94 -13.36
C PHE B 190 15.21 -11.98 -13.13
N ALA B 191 14.39 -11.76 -12.11
CA ALA B 191 13.53 -12.84 -11.63
C ALA B 191 12.03 -12.55 -11.71
N TRP B 192 11.63 -11.65 -12.60
CA TRP B 192 10.21 -11.41 -12.86
C TRP B 192 9.86 -11.94 -14.24
N ASP B 193 9.32 -13.15 -14.32
CA ASP B 193 9.22 -13.84 -15.62
C ASP B 193 8.34 -13.06 -16.60
N GLU B 194 7.32 -12.36 -16.08
CA GLU B 194 6.37 -11.59 -16.90
C GLU B 194 6.97 -10.35 -17.56
N ALA B 195 8.20 -10.04 -17.22
CA ALA B 195 8.87 -8.82 -17.71
C ALA B 195 10.24 -9.15 -18.32
N LEU B 196 10.39 -10.41 -18.74
CA LEU B 196 11.64 -10.90 -19.38
C LEU B 196 12.19 -9.89 -20.39
N ALA B 197 11.38 -9.53 -21.39
CA ALA B 197 11.81 -8.59 -22.42
C ALA B 197 12.18 -7.19 -21.89
N MET B 198 11.49 -6.73 -20.83
CA MET B 198 11.82 -5.45 -20.18
C MET B 198 13.21 -5.55 -19.54
N GLY B 199 13.47 -6.68 -18.87
CA GLY B 199 14.78 -6.95 -18.26
C GLY B 199 15.89 -6.90 -19.31
N LEU B 200 15.68 -7.62 -20.42
CA LEU B 200 16.64 -7.66 -21.53
C LEU B 200 16.94 -6.25 -22.04
N THR B 201 15.89 -5.45 -22.18
CA THR B 201 16.01 -4.09 -22.67
C THR B 201 16.97 -3.27 -21.83
N MET B 202 16.90 -3.46 -20.53
CA MET B 202 17.77 -2.70 -19.62
C MET B 202 19.05 -3.45 -19.21
N GLY B 203 19.39 -4.53 -19.93
CA GLY B 203 20.69 -5.14 -19.76
C GLY B 203 20.78 -6.45 -18.98
N ALA B 204 19.66 -7.01 -18.55
CA ALA B 204 19.66 -8.34 -17.91
C ALA B 204 20.02 -9.39 -18.94
N LYS B 205 20.81 -10.37 -18.53
CA LYS B 205 21.21 -11.45 -19.44
C LYS B 205 20.90 -12.81 -18.87
N GLY B 206 20.61 -12.85 -17.58
CA GLY B 206 20.32 -14.12 -16.91
C GLY B 206 19.01 -13.95 -16.19
N PHE B 207 18.23 -15.01 -16.21
CA PHE B 207 16.86 -14.98 -15.72
C PHE B 207 16.57 -16.17 -14.86
N ILE B 208 16.06 -15.93 -13.65
CA ILE B 208 15.72 -17.02 -12.74
C ILE B 208 14.21 -16.96 -12.64
N GLY B 209 13.52 -18.09 -12.81
CA GLY B 209 12.06 -18.04 -12.69
C GLY B 209 11.41 -19.40 -12.60
N SER B 210 10.26 -19.45 -11.93
CA SER B 210 9.54 -20.69 -11.77
C SER B 210 8.97 -21.16 -13.14
N THR B 211 8.60 -20.20 -13.98
CA THR B 211 7.86 -20.57 -15.18
C THR B 211 8.73 -21.24 -16.24
N TYR B 212 10.04 -21.09 -16.11
CA TYR B 212 10.99 -21.71 -17.06
C TYR B 212 11.14 -23.21 -16.79
N ASN B 213 10.53 -23.70 -15.72
CA ASN B 213 10.61 -25.15 -15.48
C ASN B 213 9.98 -25.95 -16.63
N VAL B 214 8.93 -25.41 -17.24
CA VAL B 214 8.22 -26.16 -18.24
C VAL B 214 8.01 -25.39 -19.55
N ASN B 215 8.41 -24.11 -19.59
CA ASN B 215 8.30 -23.33 -20.83
C ASN B 215 9.58 -22.58 -21.18
N ALA B 216 10.71 -23.26 -20.97
CA ALA B 216 11.96 -22.65 -21.36
C ALA B 216 11.94 -22.28 -22.83
N LYS B 217 11.30 -23.10 -23.66
CA LYS B 217 11.25 -22.84 -25.11
C LYS B 217 10.61 -21.47 -25.41
N GLY B 218 9.49 -21.19 -24.76
CA GLY B 218 8.77 -19.91 -24.96
C GLY B 218 9.56 -18.71 -24.50
N ALA B 219 10.32 -18.87 -23.42
CA ALA B 219 11.13 -17.82 -22.88
C ALA B 219 12.37 -17.55 -23.75
N ASN B 220 13.02 -18.64 -24.14
CA ASN B 220 14.13 -18.56 -25.06
C ASN B 220 13.74 -17.94 -26.40
N ALA B 221 12.50 -18.16 -26.80
CA ALA B 221 12.01 -17.62 -28.08
C ALA B 221 12.05 -16.08 -28.00
N ILE B 222 11.70 -15.54 -26.82
CA ILE B 222 11.76 -14.10 -26.58
C ILE B 222 13.21 -13.61 -26.61
N ILE B 223 14.09 -14.32 -25.93
CA ILE B 223 15.51 -13.96 -25.91
C ILE B 223 16.12 -13.97 -27.31
N LYS B 224 15.88 -15.05 -28.05
CA LYS B 224 16.41 -15.17 -29.41
C LYS B 224 15.85 -14.09 -30.34
N ALA B 225 14.56 -13.80 -30.26
CA ALA B 225 13.97 -12.69 -31.05
C ALA B 225 14.67 -11.37 -30.71
N TRP B 226 14.85 -11.11 -29.41
CA TRP B 226 15.48 -9.89 -28.95
C TRP B 226 16.91 -9.77 -29.48
N GLU B 227 17.68 -10.85 -29.37
CA GLU B 227 19.04 -10.89 -29.90
C GLU B 227 19.09 -10.71 -31.41
N ALA B 228 18.06 -11.20 -32.08
CA ALA B 228 18.00 -11.18 -33.55
C ALA B 228 17.42 -9.86 -34.06
N ASN B 229 17.17 -8.92 -33.15
CA ASN B 229 16.56 -7.62 -33.47
C ASN B 229 15.12 -7.71 -33.99
N ASP B 230 14.42 -8.81 -33.69
CA ASP B 230 13.07 -8.99 -34.20
C ASP B 230 12.11 -8.39 -33.20
N LYS B 231 11.99 -7.06 -33.24
CA LYS B 231 11.28 -6.33 -32.19
C LYS B 231 9.80 -6.65 -32.14
N GLU B 232 9.19 -6.89 -33.30
CA GLU B 232 7.80 -7.28 -33.31
C GLU B 232 7.55 -8.68 -32.71
N ALA B 233 8.46 -9.60 -32.97
CA ALA B 233 8.36 -10.94 -32.38
C ALA B 233 8.59 -10.90 -30.87
N VAL B 234 9.50 -10.04 -30.41
CA VAL B 234 9.66 -9.87 -28.96
C VAL B 234 8.30 -9.53 -28.34
N MET B 235 7.54 -8.64 -28.99
CA MET B 235 6.24 -8.25 -28.46
C MET B 235 5.25 -9.43 -28.52
N LYS B 236 5.08 -10.01 -29.72
CA LYS B 236 4.14 -11.13 -29.89
C LYS B 236 4.45 -12.30 -28.95
N LEU B 237 5.72 -12.69 -28.89
CA LEU B 237 6.15 -13.82 -28.04
C LEU B 237 5.99 -13.55 -26.54
N THR B 238 6.16 -12.28 -26.16
CA THR B 238 5.87 -11.85 -24.78
C THR B 238 4.39 -11.94 -24.48
N HIS B 239 3.54 -11.49 -25.39
CA HIS B 239 2.10 -11.62 -25.15
C HIS B 239 1.69 -13.08 -24.96
N THR B 240 2.20 -13.95 -25.82
CA THR B 240 1.95 -15.39 -25.67
C THR B 240 2.48 -15.91 -24.34
N TYR B 241 3.72 -15.51 -24.03
CA TYR B 241 4.33 -15.99 -22.79
C TYR B 241 3.56 -15.56 -21.56
N ASN B 242 3.11 -14.31 -21.53
CA ASN B 242 2.37 -13.83 -20.35
C ASN B 242 0.95 -14.39 -20.27
N ASP B 243 0.37 -14.72 -21.42
CA ASP B 243 -0.90 -15.45 -21.46
C ASP B 243 -0.67 -16.77 -20.75
N TYR B 244 0.49 -17.39 -21.05
CA TYR B 244 0.87 -18.68 -20.46
C TYR B 244 1.03 -18.56 -18.98
N VAL B 245 1.77 -17.54 -18.52
CA VAL B 245 1.95 -17.38 -17.08
C VAL B 245 0.64 -17.25 -16.32
N LEU B 246 -0.24 -16.39 -16.82
CA LEU B 246 -1.53 -16.20 -16.18
C LEU B 246 -2.39 -17.47 -16.18
N ASP B 247 -2.39 -18.21 -17.27
CA ASP B 247 -3.15 -19.49 -17.35
C ASP B 247 -2.54 -20.50 -16.39
N LEU B 248 -1.21 -20.55 -16.34
CA LEU B 248 -0.50 -21.50 -15.48
C LEU B 248 -0.90 -21.31 -14.03
N ILE B 249 -0.92 -20.06 -13.58
CA ILE B 249 -1.16 -19.78 -12.15
C ILE B 249 -2.65 -19.68 -11.77
N SER B 250 -3.50 -20.10 -12.70
CA SER B 250 -4.94 -20.31 -12.49
C SER B 250 -5.12 -21.39 -11.44
N LYS B 251 -4.12 -22.23 -11.30
CA LYS B 251 -4.04 -23.15 -10.16
C LYS B 251 -2.72 -22.92 -9.46
N GLY B 252 -2.54 -23.53 -8.29
CA GLY B 252 -1.31 -23.33 -7.51
C GLY B 252 -0.10 -23.54 -8.40
N LEU B 253 0.88 -22.64 -8.28
CA LEU B 253 2.05 -22.68 -9.13
C LEU B 253 2.82 -24.02 -9.08
N MET B 254 3.25 -24.43 -7.89
CA MET B 254 4.12 -25.59 -7.80
C MET B 254 3.37 -26.87 -8.15
N GLN B 255 2.10 -26.94 -7.75
CA GLN B 255 1.26 -28.09 -8.11
C GLN B 255 1.16 -28.20 -9.63
N SER B 256 1.03 -27.05 -10.30
CA SER B 256 0.84 -27.03 -11.74
C SER B 256 2.13 -27.40 -12.43
N LEU B 257 3.24 -26.85 -11.96
CA LEU B 257 4.54 -27.20 -12.53
C LEU B 257 4.77 -28.71 -12.41
N LYS B 258 4.54 -29.25 -11.21
CA LYS B 258 4.80 -30.67 -10.98
C LYS B 258 3.88 -31.56 -11.84
N ALA B 259 2.61 -31.16 -11.95
CA ALA B 259 1.64 -31.88 -12.78
C ALA B 259 2.05 -31.90 -14.24
N ILE B 260 2.55 -30.76 -14.74
CA ILE B 260 2.98 -30.71 -16.13
C ILE B 260 4.19 -31.62 -16.32
N MET B 261 5.08 -31.62 -15.34
CA MET B 261 6.21 -32.54 -15.46
C MET B 261 5.75 -33.99 -15.45
N ARG B 262 4.86 -34.33 -14.53
CA ARG B 262 4.33 -35.68 -14.45
C ARG B 262 3.68 -36.06 -15.79
N LEU B 263 2.94 -35.13 -16.38
CA LEU B 263 2.33 -35.38 -17.69
C LEU B 263 3.37 -35.69 -18.77
N HIS B 264 4.58 -35.17 -18.62
CA HIS B 264 5.65 -35.41 -19.59
C HIS B 264 6.54 -36.61 -19.18
N GLY B 265 6.06 -37.42 -18.23
CA GLY B 265 6.77 -38.64 -17.84
C GLY B 265 7.86 -38.42 -16.81
N VAL B 266 7.90 -37.23 -16.21
CA VAL B 266 8.94 -36.90 -15.22
C VAL B 266 8.38 -37.15 -13.84
N ASP B 267 9.09 -37.91 -13.01
CA ASP B 267 8.60 -38.27 -11.67
C ASP B 267 8.78 -37.10 -10.70
N ALA B 268 8.08 -36.01 -10.97
CA ALA B 268 8.29 -34.76 -10.22
C ALA B 268 7.56 -34.68 -8.88
N GLY B 269 6.74 -35.68 -8.59
CA GLY B 269 5.98 -35.76 -7.33
C GLY B 269 5.01 -34.61 -7.06
N TYR B 270 4.89 -34.26 -5.79
CA TYR B 270 3.80 -33.40 -5.33
C TYR B 270 4.34 -32.35 -4.41
N THR B 271 3.51 -31.36 -4.08
CA THR B 271 3.85 -30.36 -3.09
C THR B 271 3.70 -30.93 -1.67
N ARG B 272 4.35 -30.29 -0.71
CA ARG B 272 4.17 -30.59 0.71
C ARG B 272 3.12 -29.72 1.33
N LYS B 273 2.55 -30.20 2.44
CA LYS B 273 1.64 -29.36 3.21
C LYS B 273 2.39 -28.09 3.64
N PRO B 274 1.69 -26.94 3.75
CA PRO B 274 0.25 -26.76 3.59
C PRO B 274 -0.26 -26.36 2.22
N PHE B 275 0.55 -26.53 1.14
CA PHE B 275 0.02 -26.25 -0.18
C PHE B 275 -1.16 -27.18 -0.48
N TRP B 276 -2.12 -26.63 -1.19
CA TRP B 276 -3.33 -27.35 -1.57
C TRP B 276 -2.99 -28.58 -2.42
N ARG B 277 -3.53 -29.74 -2.03
CA ARG B 277 -3.46 -30.95 -2.85
C ARG B 277 -4.73 -31.07 -3.69
N TYR B 278 -4.60 -30.87 -5.00
CA TYR B 278 -5.73 -30.92 -5.92
C TYR B 278 -6.15 -32.37 -6.13
N GLU B 279 -7.40 -32.59 -6.52
CA GLU B 279 -7.80 -33.90 -7.04
C GLU B 279 -6.95 -34.22 -8.27
N ASP B 280 -6.55 -35.48 -8.45
CA ASP B 280 -5.56 -35.82 -9.49
C ASP B 280 -6.08 -35.53 -10.90
N GLU B 281 -7.38 -35.70 -11.09
CA GLU B 281 -8.03 -35.45 -12.39
C GLU B 281 -8.12 -33.96 -12.70
N GLU B 282 -8.41 -33.17 -11.67
CA GLU B 282 -8.49 -31.73 -11.79
C GLU B 282 -7.11 -31.13 -12.20
N ILE B 283 -6.04 -31.52 -11.50
CA ILE B 283 -4.71 -30.96 -11.81
C ILE B 283 -4.16 -31.55 -13.12
N LYS B 284 -4.51 -32.79 -13.44
CA LYS B 284 -4.15 -33.35 -14.74
C LYS B 284 -4.76 -32.55 -15.91
N LYS B 285 -6.04 -32.19 -15.81
CA LYS B 285 -6.67 -31.41 -16.89
C LYS B 285 -6.01 -30.04 -17.02
N HIS B 286 -5.66 -29.45 -15.87
CA HIS B 286 -4.92 -28.20 -15.90
C HIS B 286 -3.56 -28.36 -16.61
N ALA B 287 -2.82 -29.43 -16.29
CA ALA B 287 -1.54 -29.70 -16.94
C ALA B 287 -1.70 -29.90 -18.45
N GLU B 288 -2.78 -30.60 -18.85
CA GLU B 288 -3.06 -30.80 -20.28
C GLU B 288 -3.45 -29.48 -20.95
N PHE B 289 -4.27 -28.69 -20.26
CA PHE B 289 -4.69 -27.38 -20.75
C PHE B 289 -3.46 -26.50 -21.07
N ILE B 290 -2.56 -26.37 -20.10
CA ILE B 290 -1.33 -25.58 -20.35
C ILE B 290 -0.47 -26.19 -21.46
N THR B 291 -0.30 -27.52 -21.40
CA THR B 291 0.58 -28.21 -22.34
C THR B 291 0.10 -28.10 -23.80
N ASP B 292 -1.18 -28.39 -24.02
CA ASP B 292 -1.74 -28.31 -25.37
C ASP B 292 -1.76 -26.88 -25.89
N LYS B 293 -1.98 -25.91 -24.99
CA LYS B 293 -2.12 -24.53 -25.42
C LYS B 293 -0.77 -23.90 -25.75
N TYR B 294 0.28 -24.26 -24.99
CA TYR B 294 1.54 -23.51 -25.06
C TYR B 294 2.77 -24.33 -25.32
N LEU B 295 2.74 -25.62 -24.97
CA LEU B 295 3.96 -26.38 -24.83
C LEU B 295 4.22 -27.41 -25.92
N LYS B 296 3.34 -27.51 -26.90
CA LYS B 296 3.53 -28.45 -28.01
C LYS B 296 4.77 -28.15 -28.86
N ASN C 3 -10.68 26.73 25.89
CA ASN C 3 -12.19 26.69 25.86
C ASN C 3 -12.70 26.33 24.47
N PHE C 4 -13.09 25.08 24.29
CA PHE C 4 -13.62 24.63 23.01
C PHE C 4 -15.02 24.03 23.22
N ASP C 5 -15.72 24.51 24.25
CA ASP C 5 -17.01 23.93 24.60
C ASP C 5 -18.01 23.91 23.44
N LYS C 6 -17.99 24.97 22.62
CA LYS C 6 -18.92 25.08 21.47
C LYS C 6 -18.61 24.10 20.35
N PHE C 7 -17.47 23.42 20.46
CA PHE C 7 -17.07 22.38 19.51
C PHE C 7 -17.37 20.96 19.97
N LYS C 8 -18.05 20.84 21.10
CA LYS C 8 -18.44 19.52 21.63
C LYS C 8 -19.67 19.00 20.89
N GLY C 9 -19.71 17.70 20.63
CA GLY C 9 -20.91 17.06 20.08
C GLY C 9 -20.84 16.70 18.61
N LEU C 10 -22.01 16.66 17.97
CA LEU C 10 -22.14 16.13 16.61
C LEU C 10 -22.26 17.24 15.58
N PHE C 11 -21.43 17.14 14.54
CA PHE C 11 -21.38 18.09 13.45
C PHE C 11 -21.57 17.33 12.15
N PRO C 12 -22.82 17.21 11.66
CA PRO C 12 -22.93 16.60 10.33
C PRO C 12 -22.13 17.37 9.28
N ALA C 13 -21.47 16.64 8.39
CA ALA C 13 -20.84 17.23 7.20
C ALA C 13 -21.97 17.45 6.20
N MET C 14 -22.52 18.66 6.19
CA MET C 14 -23.80 18.93 5.50
C MET C 14 -23.75 18.62 4.01
N VAL C 15 -24.82 18.03 3.50
CA VAL C 15 -24.98 17.88 2.05
C VAL C 15 -25.41 19.23 1.42
N THR C 16 -25.09 19.46 0.16
CA THR C 16 -25.47 20.70 -0.53
C THR C 16 -26.57 20.39 -1.55
N PRO C 17 -27.81 20.88 -1.31
CA PRO C 17 -28.88 20.57 -2.27
C PRO C 17 -28.68 21.15 -3.68
N PHE C 18 -28.84 20.31 -4.72
CA PHE C 18 -28.90 20.77 -6.11
C PHE C 18 -30.21 20.29 -6.71
N THR C 19 -30.76 21.07 -7.63
CA THR C 19 -31.95 20.61 -8.37
C THR C 19 -31.56 19.42 -9.25
N LYS C 20 -32.57 18.70 -9.77
CA LYS C 20 -32.31 17.60 -10.70
C LYS C 20 -31.43 18.04 -11.87
N ASP C 21 -31.57 19.30 -12.30
CA ASP C 21 -30.77 19.87 -13.37
C ASP C 21 -29.40 20.42 -12.99
N GLY C 22 -29.02 20.28 -11.73
CA GLY C 22 -27.69 20.69 -11.31
C GLY C 22 -27.53 22.13 -10.83
N LYS C 23 -28.62 22.86 -10.64
CA LYS C 23 -28.54 24.24 -10.11
C LYS C 23 -28.50 24.16 -8.58
N LEU C 24 -27.78 25.08 -7.94
CA LEU C 24 -27.82 25.15 -6.49
C LEU C 24 -29.25 25.43 -6.06
N HIS C 25 -29.73 24.65 -5.10
CA HIS C 25 -31.09 24.78 -4.68
C HIS C 25 -31.13 25.54 -3.36
N LYS C 26 -31.19 26.86 -3.48
CA LYS C 26 -31.06 27.79 -2.34
C LYS C 26 -32.02 27.49 -1.20
N ALA C 27 -33.31 27.34 -1.53
CA ALA C 27 -34.31 27.04 -0.52
C ALA C 27 -34.01 25.70 0.15
N GLY C 28 -33.42 24.76 -0.59
CA GLY C 28 -33.12 23.46 0.00
C GLY C 28 -31.99 23.56 1.01
N VAL C 29 -31.05 24.47 0.76
CA VAL C 29 -29.95 24.69 1.73
C VAL C 29 -30.57 25.03 3.07
N LYS C 30 -31.48 26.00 3.09
CA LYS C 30 -32.11 26.37 4.37
C LYS C 30 -32.93 25.24 5.01
N GLU C 31 -33.63 24.44 4.19
CA GLU C 31 -34.41 23.32 4.71
C GLU C 31 -33.47 22.29 5.34
N VAL C 32 -32.33 22.04 4.71
CA VAL C 32 -31.39 21.07 5.29
C VAL C 32 -30.87 21.56 6.66
N VAL C 33 -30.51 22.84 6.74
CA VAL C 33 -30.03 23.43 8.01
C VAL C 33 -31.11 23.27 9.07
N ASN C 34 -32.34 23.68 8.77
CA ASN C 34 -33.44 23.48 9.73
C ASN C 34 -33.63 22.01 10.15
N PHE C 35 -33.56 21.09 9.19
CA PHE C 35 -33.65 19.67 9.47
C PHE C 35 -32.54 19.21 10.44
N LEU C 36 -31.30 19.63 10.21
CA LEU C 36 -30.19 19.23 11.09
C LEU C 36 -30.36 19.81 12.48
N VAL C 37 -30.71 21.08 12.54
CA VAL C 37 -30.85 21.74 13.84
C VAL C 37 -32.06 21.21 14.64
N GLU C 38 -33.20 21.09 13.96
CA GLU C 38 -34.49 20.89 14.65
C GLU C 38 -34.89 19.42 14.75
N LYS C 39 -34.56 18.63 13.73
CA LYS C 39 -34.91 17.22 13.73
C LYS C 39 -33.76 16.34 14.21
N GLN C 40 -32.57 16.58 13.67
CA GLN C 40 -31.41 15.80 14.09
C GLN C 40 -30.84 16.31 15.42
N LYS C 41 -31.17 17.56 15.82
CA LYS C 41 -30.70 18.15 17.08
C LYS C 41 -29.18 18.18 17.21
N VAL C 42 -28.53 18.53 16.12
CA VAL C 42 -27.08 18.54 16.08
C VAL C 42 -26.48 19.69 16.89
N ASP C 43 -25.20 19.56 17.23
CA ASP C 43 -24.51 20.58 18.01
C ASP C 43 -23.87 21.63 17.13
N GLY C 44 -23.72 21.29 15.84
CA GLY C 44 -23.05 22.18 14.91
C GLY C 44 -23.20 21.61 13.51
N ILE C 45 -22.77 22.38 12.52
CA ILE C 45 -22.83 21.94 11.12
C ILE C 45 -21.52 22.26 10.44
N TYR C 46 -21.04 21.30 9.64
CA TYR C 46 -19.78 21.41 8.91
C TYR C 46 -20.13 21.50 7.43
N ILE C 47 -19.95 22.66 6.84
CA ILE C 47 -20.43 22.89 5.48
C ILE C 47 -19.33 22.89 4.43
N THR C 48 -19.75 22.61 3.20
CA THR C 48 -18.92 22.69 2.00
C THR C 48 -17.65 21.86 2.12
N GLY C 49 -17.79 20.73 2.80
CA GLY C 49 -16.74 19.70 2.83
C GLY C 49 -16.91 18.74 1.66
N SER C 50 -16.10 17.67 1.62
CA SER C 50 -16.31 16.57 0.67
C SER C 50 -17.77 16.13 0.57
N THR C 51 -18.43 15.93 1.70
CA THR C 51 -19.81 15.46 1.71
C THR C 51 -20.77 16.50 1.14
N GLY C 52 -20.37 17.76 1.16
CA GLY C 52 -21.16 18.85 0.58
C GLY C 52 -20.82 19.11 -0.88
N GLU C 53 -20.11 18.16 -1.50
CA GLU C 53 -19.78 18.23 -2.97
C GLU C 53 -19.05 19.50 -3.34
N PHE C 54 -18.13 19.93 -2.45
CA PHE C 54 -17.57 21.27 -2.59
C PHE C 54 -16.79 21.50 -3.89
N LEU C 55 -16.10 20.47 -4.39
CA LEU C 55 -15.41 20.58 -5.67
C LEU C 55 -16.38 20.70 -6.88
N LEU C 56 -17.65 20.47 -6.64
CA LEU C 56 -18.65 20.60 -7.71
C LEU C 56 -19.35 21.98 -7.67
N LEU C 57 -18.96 22.79 -6.69
CA LEU C 57 -19.52 24.13 -6.49
C LEU C 57 -18.67 25.19 -7.18
N SER C 58 -19.32 26.17 -7.79
CA SER C 58 -18.60 27.34 -8.27
C SER C 58 -18.20 28.19 -7.07
N PHE C 59 -17.29 29.13 -7.29
CA PHE C 59 -16.91 30.08 -6.27
C PHE C 59 -18.17 30.82 -5.77
N GLU C 60 -19.00 31.29 -6.69
CA GLU C 60 -20.24 32.01 -6.27
C GLU C 60 -21.20 31.11 -5.49
N ASP C 61 -21.31 29.83 -5.89
CA ASP C 61 -22.14 28.85 -5.16
C ASP C 61 -21.64 28.72 -3.72
N LYS C 62 -20.31 28.63 -3.54
CA LYS C 62 -19.75 28.45 -2.20
C LYS C 62 -20.13 29.63 -1.33
N LYS C 63 -19.98 30.84 -1.87
CA LYS C 63 -20.38 32.01 -1.10
C LYS C 63 -21.86 31.98 -0.72
N GLU C 64 -22.70 31.54 -1.65
CA GLU C 64 -24.14 31.57 -1.43
C GLU C 64 -24.52 30.54 -0.38
N VAL C 65 -23.91 29.35 -0.42
CA VAL C 65 -24.19 28.32 0.60
C VAL C 65 -23.80 28.87 1.95
N MET C 66 -22.64 29.54 2.00
CA MET C 66 -22.16 30.09 3.28
C MET C 66 -23.14 31.11 3.87
N LYS C 67 -23.68 31.97 3.01
CA LYS C 67 -24.66 32.96 3.44
C LYS C 67 -25.96 32.30 3.86
N LEU C 68 -26.47 31.38 3.03
CA LEU C 68 -27.71 30.70 3.33
C LEU C 68 -27.68 29.92 4.61
N VAL C 69 -26.56 29.26 4.91
CA VAL C 69 -26.47 28.49 6.15
C VAL C 69 -26.45 29.42 7.37
N ALA C 70 -25.67 30.51 7.31
CA ALA C 70 -25.60 31.45 8.44
C ALA C 70 -26.99 32.07 8.68
N GLU C 71 -27.68 32.38 7.60
CA GLU C 71 -29.05 32.92 7.70
C GLU C 71 -30.04 31.89 8.30
N ALA C 72 -30.08 30.68 7.77
CA ALA C 72 -30.96 29.64 8.29
C ALA C 72 -30.64 29.28 9.75
N ASN C 73 -29.34 29.22 10.05
CA ASN C 73 -28.90 28.85 11.41
C ASN C 73 -29.47 29.80 12.48
N ALA C 74 -29.49 31.09 12.15
CA ALA C 74 -29.99 32.13 13.06
C ALA C 74 -29.23 32.08 14.40
N GLY C 75 -27.94 31.78 14.33
CA GLY C 75 -27.05 31.69 15.49
C GLY C 75 -27.24 30.50 16.40
N ARG C 76 -28.07 29.53 16.00
CA ARG C 76 -28.45 28.41 16.86
C ARG C 76 -27.31 27.47 17.20
N VAL C 77 -26.67 26.95 16.16
CA VAL C 77 -25.60 25.95 16.38
C VAL C 77 -24.24 26.44 15.89
N THR C 78 -23.18 25.74 16.31
CA THR C 78 -21.81 26.06 15.88
C THR C 78 -21.68 25.80 14.38
N LEU C 79 -21.04 26.72 13.66
CA LEU C 79 -20.87 26.58 12.21
C LEU C 79 -19.40 26.54 11.88
N ILE C 80 -19.03 25.56 11.05
CA ILE C 80 -17.68 25.44 10.51
C ILE C 80 -17.78 25.33 9.00
N ALA C 81 -16.99 26.13 8.28
CA ALA C 81 -16.99 26.10 6.83
C ALA C 81 -15.67 25.56 6.31
N GLN C 82 -15.73 24.48 5.53
CA GLN C 82 -14.55 24.00 4.80
C GLN C 82 -14.43 24.88 3.55
N ILE C 83 -13.28 25.53 3.43
CA ILE C 83 -13.10 26.58 2.42
C ILE C 83 -11.91 26.37 1.49
N GLY C 84 -11.20 25.27 1.68
CA GLY C 84 -10.01 24.97 0.91
C GLY C 84 -10.28 24.52 -0.52
N SER C 85 -9.33 24.87 -1.39
CA SER C 85 -9.25 24.34 -2.75
C SER C 85 -7.87 24.72 -3.24
N LEU C 86 -7.55 24.40 -4.47
CA LEU C 86 -6.26 24.81 -5.03
C LEU C 86 -6.29 26.27 -5.46
N ASN C 87 -7.46 26.90 -5.41
CA ASN C 87 -7.52 28.33 -5.70
C ASN C 87 -7.32 29.14 -4.42
N ILE C 88 -6.08 29.60 -4.18
CA ILE C 88 -5.72 30.23 -2.93
C ILE C 88 -6.40 31.59 -2.75
N GLU C 89 -6.47 32.39 -3.81
CA GLU C 89 -7.15 33.69 -3.72
C GLU C 89 -8.64 33.56 -3.39
N GLU C 90 -9.31 32.59 -4.01
CA GLU C 90 -10.69 32.30 -3.64
C GLU C 90 -10.84 31.81 -2.20
N THR C 91 -9.96 30.91 -1.79
CA THR C 91 -9.97 30.43 -0.43
C THR C 91 -9.84 31.59 0.54
N LYS C 92 -8.91 32.51 0.26
CA LYS C 92 -8.74 33.67 1.13
C LYS C 92 -10.03 34.48 1.22
N GLU C 93 -10.71 34.65 0.09
CA GLU C 93 -11.98 35.38 0.07
C GLU C 93 -13.06 34.67 0.89
N LEU C 94 -13.09 33.34 0.82
CA LEU C 94 -14.02 32.53 1.63
C LEU C 94 -13.72 32.61 3.15
N ALA C 95 -12.44 32.66 3.51
CA ALA C 95 -12.07 32.88 4.93
C ALA C 95 -12.61 34.23 5.41
N LYS C 96 -12.46 35.28 4.60
CA LYS C 96 -12.97 36.62 4.97
C LYS C 96 -14.50 36.58 5.10
N LEU C 97 -15.16 35.88 4.18
CA LEU C 97 -16.61 35.76 4.24
C LEU C 97 -17.06 35.02 5.50
N ALA C 98 -16.41 33.90 5.81
CA ALA C 98 -16.74 33.13 7.01
C ALA C 98 -16.63 34.00 8.28
N LYS C 99 -15.61 34.85 8.32
CA LYS C 99 -15.43 35.78 9.45
C LYS C 99 -16.57 36.81 9.49
N GLU C 100 -16.90 37.37 8.33
CA GLU C 100 -17.94 38.37 8.20
C GLU C 100 -19.29 37.79 8.64
N LEU C 101 -19.51 36.51 8.30
CA LEU C 101 -20.74 35.81 8.66
C LEU C 101 -20.74 35.20 10.06
N LYS C 102 -19.63 35.38 10.78
CA LYS C 102 -19.48 34.94 12.16
C LYS C 102 -19.51 33.43 12.33
N TYR C 103 -18.95 32.73 11.33
CA TYR C 103 -18.64 31.30 11.51
C TYR C 103 -17.70 31.12 12.71
N ASP C 104 -17.82 29.99 13.38
CA ASP C 104 -17.01 29.69 14.56
C ASP C 104 -15.62 29.19 14.19
N ALA C 105 -15.53 28.58 13.02
CA ALA C 105 -14.23 28.14 12.52
C ALA C 105 -14.30 27.91 11.02
N ILE C 106 -13.12 27.83 10.41
CA ILE C 106 -13.01 27.36 9.03
C ILE C 106 -12.10 26.15 9.05
N SER C 107 -12.13 25.39 7.95
CA SER C 107 -11.16 24.35 7.75
C SER C 107 -10.72 24.40 6.31
N ALA C 108 -9.61 23.74 6.01
CA ALA C 108 -9.20 23.66 4.62
C ALA C 108 -8.52 22.32 4.39
N ILE C 109 -8.97 21.60 3.36
CA ILE C 109 -8.37 20.32 3.01
C ILE C 109 -6.93 20.54 2.55
N THR C 110 -6.13 19.48 2.69
CA THR C 110 -4.79 19.40 2.11
C THR C 110 -4.87 19.70 0.61
N PRO C 111 -3.95 20.51 0.08
CA PRO C 111 -3.85 20.71 -1.37
C PRO C 111 -3.84 19.33 -2.03
N TYR C 112 -4.67 19.16 -3.04
CA TYR C 112 -4.94 17.82 -3.57
C TYR C 112 -4.51 17.68 -5.02
N TYR C 113 -4.75 16.47 -5.52
CA TYR C 113 -4.43 16.04 -6.88
C TYR C 113 -2.97 15.83 -7.11
N TYR C 114 -2.22 16.93 -7.07
CA TYR C 114 -0.75 16.88 -7.11
C TYR C 114 -0.20 16.39 -5.78
N ASN C 115 1.01 15.86 -5.85
CA ASN C 115 1.78 15.57 -4.65
C ASN C 115 2.50 16.82 -4.15
N PHE C 116 1.83 17.59 -3.31
CA PHE C 116 2.45 18.78 -2.77
C PHE C 116 3.40 18.44 -1.63
N SER C 117 4.51 19.17 -1.53
CA SER C 117 5.49 18.98 -0.47
C SER C 117 4.98 19.52 0.86
N PHE C 118 5.66 19.14 1.94
CA PHE C 118 5.31 19.69 3.24
C PHE C 118 5.43 21.22 3.24
N ASN C 119 6.53 21.74 2.68
CA ASN C 119 6.72 23.17 2.56
C ASN C 119 5.59 23.88 1.82
N GLU C 120 5.14 23.30 0.72
CA GLU C 120 3.99 23.86 -0.03
C GLU C 120 2.73 23.83 0.82
N THR C 121 2.53 22.75 1.56
CA THR C 121 1.32 22.60 2.38
C THR C 121 1.35 23.60 3.53
N HIS C 122 2.53 23.75 4.14
CA HIS C 122 2.71 24.74 5.20
C HIS C 122 2.45 26.16 4.69
N HIS C 123 2.99 26.47 3.52
CA HIS C 123 2.84 27.79 2.95
C HIS C 123 1.35 28.10 2.61
N TYR C 124 0.65 27.11 2.07
CA TYR C 124 -0.79 27.19 1.79
C TYR C 124 -1.57 27.61 3.05
N TYR C 125 -1.35 26.89 4.14
CA TYR C 125 -2.03 27.23 5.40
C TYR C 125 -1.62 28.61 5.93
N GLU C 126 -0.33 28.95 5.81
CA GLU C 126 0.12 30.30 6.17
C GLU C 126 -0.62 31.38 5.39
N GLU C 127 -0.78 31.19 4.07
CA GLU C 127 -1.48 32.19 3.26
C GLU C 127 -2.93 32.37 3.69
N ILE C 128 -3.62 31.26 3.92
CA ILE C 128 -5.02 31.32 4.36
C ILE C 128 -5.11 32.01 5.73
N SER C 129 -4.20 31.68 6.64
CA SER C 129 -4.18 32.26 7.99
C SER C 129 -4.14 33.79 8.04
N LYS C 130 -3.51 34.41 7.05
CA LYS C 130 -3.34 35.87 7.02
C LYS C 130 -4.57 36.59 6.47
N ALA C 131 -5.50 35.80 5.92
CA ALA C 131 -6.67 36.36 5.26
C ALA C 131 -7.68 36.95 6.24
N ALA C 132 -7.86 36.29 7.38
CA ALA C 132 -8.89 36.65 8.33
C ALA C 132 -8.59 36.03 9.67
N ASP C 133 -8.94 36.75 10.74
CA ASP C 133 -8.75 36.23 12.09
C ASP C 133 -9.98 35.39 12.54
N ILE C 134 -9.89 34.10 12.23
CA ILE C 134 -10.95 33.13 12.53
C ILE C 134 -10.24 31.81 12.74
N PRO C 135 -10.70 30.99 13.69
CA PRO C 135 -9.99 29.74 13.96
C PRO C 135 -10.02 28.80 12.76
N MET C 136 -8.89 28.16 12.53
CA MET C 136 -8.71 27.22 11.43
C MET C 136 -8.48 25.82 11.97
N LEU C 137 -9.14 24.85 11.36
CA LEU C 137 -8.90 23.45 11.61
C LEU C 137 -8.22 22.90 10.36
N ILE C 138 -6.98 22.49 10.51
CA ILE C 138 -6.30 21.89 9.37
C ILE C 138 -6.71 20.42 9.23
N TYR C 139 -6.59 19.86 8.03
CA TYR C 139 -6.85 18.43 7.85
C TYR C 139 -5.65 17.59 8.24
N TYR C 140 -5.88 16.46 8.91
CA TYR C 140 -4.77 15.61 9.26
C TYR C 140 -4.14 15.03 7.99
N LEU C 141 -2.81 15.01 7.95
CA LEU C 141 -2.12 14.39 6.82
C LEU C 141 -1.15 13.34 7.34
N PRO C 142 -1.32 12.09 6.87
CA PRO C 142 -0.43 10.99 7.25
C PRO C 142 0.96 11.10 6.59
N GLN C 143 0.96 11.53 5.32
CA GLN C 143 2.20 11.60 4.52
C GLN C 143 2.15 12.76 3.52
N VAL C 149 4.03 11.47 7.78
CA VAL C 149 4.33 12.72 8.48
C VAL C 149 4.23 12.53 9.98
N SER C 150 5.34 12.73 10.68
CA SER C 150 5.44 12.44 12.12
C SER C 150 4.54 13.34 12.96
N THR C 151 4.21 12.87 14.17
CA THR C 151 3.43 13.66 15.12
C THR C 151 4.06 15.04 15.32
N ASP C 152 5.40 15.06 15.35
CA ASP C 152 6.18 16.28 15.51
C ASP C 152 6.04 17.31 14.39
N GLN C 153 6.30 16.90 13.14
CA GLN C 153 6.24 17.84 12.00
C GLN C 153 4.81 18.27 11.62
N PHE C 154 3.82 17.47 11.98
CA PHE C 154 2.43 17.92 11.92
C PHE C 154 2.22 19.08 12.88
N GLY C 155 3.02 19.12 13.96
CA GLY C 155 2.98 20.24 14.92
C GLY C 155 3.41 21.55 14.29
N LYS C 156 4.21 21.49 13.22
CA LYS C 156 4.57 22.73 12.52
C LYS C 156 3.35 23.34 11.85
N LEU C 157 2.45 22.51 11.36
CA LEU C 157 1.18 22.99 10.79
C LEU C 157 0.24 23.49 11.88
N LEU C 158 0.21 22.76 13.00
CA LEU C 158 -0.69 23.11 14.10
C LEU C 158 -0.33 24.45 14.75
N GLU C 159 0.93 24.88 14.61
CA GLU C 159 1.38 26.12 15.24
C GLU C 159 1.23 27.33 14.35
N ILE C 160 0.76 27.14 13.12
CA ILE C 160 0.47 28.28 12.23
C ILE C 160 -0.55 29.26 12.86
N LYS C 161 -0.39 30.56 12.59
CA LYS C 161 -1.30 31.58 13.13
C LYS C 161 -2.77 31.20 12.93
N ASN C 162 -3.59 31.36 13.98
CA ASN C 162 -5.05 31.07 13.96
C ASN C 162 -5.44 29.59 13.89
N VAL C 163 -4.47 28.68 13.74
CA VAL C 163 -4.80 27.25 13.74
C VAL C 163 -5.06 26.79 15.16
N ILE C 164 -6.26 26.26 15.39
CA ILE C 164 -6.62 25.83 16.73
C ILE C 164 -6.56 24.31 16.84
N GLY C 165 -6.42 23.62 15.71
CA GLY C 165 -6.30 22.16 15.79
C GLY C 165 -6.57 21.55 14.43
N SER C 166 -7.12 20.35 14.43
CA SER C 166 -7.23 19.56 13.19
C SER C 166 -8.53 18.77 13.13
N LYS C 167 -9.06 18.65 11.91
CA LYS C 167 -10.09 17.68 11.62
C LYS C 167 -9.35 16.37 11.35
N TYR C 168 -9.59 15.39 12.20
CA TYR C 168 -8.90 14.09 12.12
C TYR C 168 -9.78 13.00 11.52
N GLY C 169 -9.55 12.68 10.26
CA GLY C 169 -10.38 11.69 9.59
C GLY C 169 -9.72 10.38 9.18
N ALA C 170 -8.49 10.15 9.61
CA ALA C 170 -7.79 8.90 9.28
C ALA C 170 -8.27 7.73 10.14
N THR C 171 -8.00 6.51 9.68
CA THR C 171 -8.40 5.33 10.41
C THR C 171 -7.31 4.90 11.41
N ASP C 172 -6.27 5.73 11.52
CA ASP C 172 -5.11 5.41 12.36
C ASP C 172 -5.35 5.94 13.78
N LEU C 173 -5.84 5.08 14.65
CA LEU C 173 -6.20 5.49 16.00
C LEU C 173 -4.99 5.70 16.89
N PHE C 174 -3.87 5.09 16.52
CA PHE C 174 -2.62 5.32 17.24
C PHE C 174 -2.10 6.74 16.99
N ALA C 175 -2.05 7.19 15.74
CA ALA C 175 -1.65 8.56 15.45
C ALA C 175 -2.58 9.54 16.17
N PHE C 176 -3.87 9.21 16.23
CA PHE C 176 -4.81 10.07 16.94
C PHE C 176 -4.43 10.16 18.44
N GLU C 177 -4.22 9.00 19.05
CA GLU C 177 -3.84 8.94 20.46
C GLU C 177 -2.57 9.77 20.71
N ARG C 178 -1.59 9.65 19.81
CA ARG C 178 -0.33 10.39 19.90
C ARG C 178 -0.54 11.91 19.82
N LEU C 179 -1.48 12.35 18.96
CA LEU C 179 -1.78 13.78 18.82
C LEU C 179 -2.43 14.30 20.09
N MET C 180 -3.37 13.52 20.62
CA MET C 180 -4.06 13.87 21.85
C MET C 180 -3.06 13.95 23.01
N SER C 181 -2.04 13.09 22.97
CA SER C 181 -1.01 13.11 24.01
C SER C 181 -0.14 14.37 23.92
N LYS C 182 0.29 14.68 22.69
CA LYS C 182 1.26 15.73 22.46
C LYS C 182 0.65 17.14 22.47
N TYR C 183 -0.60 17.28 22.05
CA TYR C 183 -1.22 18.61 21.85
C TYR C 183 -2.54 18.73 22.62
N PRO C 184 -2.47 18.68 23.97
CA PRO C 184 -3.67 18.78 24.77
C PRO C 184 -4.33 20.16 24.68
N ASP C 185 -3.57 21.16 24.21
CA ASP C 185 -4.01 22.54 23.95
C ASP C 185 -4.77 22.72 22.63
N LYS C 186 -4.70 21.72 21.76
CA LYS C 186 -5.29 21.88 20.43
C LYS C 186 -6.60 21.11 20.35
N LEU C 187 -7.44 21.51 19.40
CA LEU C 187 -8.74 20.88 19.24
C LEU C 187 -8.70 19.85 18.14
N PHE C 188 -9.08 18.62 18.45
CA PHE C 188 -9.15 17.61 17.40
C PHE C 188 -10.58 17.20 17.24
N MET C 189 -11.11 17.51 16.06
CA MET C 189 -12.47 17.10 15.70
C MET C 189 -12.39 15.75 15.01
N PHE C 190 -13.03 14.75 15.59
CA PHE C 190 -12.84 13.36 15.18
C PHE C 190 -13.77 13.02 14.02
N ALA C 191 -13.22 12.63 12.88
CA ALA C 191 -14.06 12.52 11.67
C ALA C 191 -14.18 11.11 11.08
N TRP C 192 -14.02 10.09 11.91
CA TRP C 192 -14.26 8.73 11.43
C TRP C 192 -15.46 8.15 12.14
N ASP C 193 -16.63 8.31 11.51
CA ASP C 193 -17.90 7.96 12.12
C ASP C 193 -17.92 6.54 12.71
N GLU C 194 -17.29 5.58 12.01
CA GLU C 194 -17.31 4.17 12.44
C GLU C 194 -16.47 3.86 13.68
N ALA C 195 -15.75 4.86 14.18
CA ALA C 195 -14.91 4.71 15.38
C ALA C 195 -15.25 5.76 16.44
N LEU C 196 -16.49 6.24 16.43
CA LEU C 196 -16.89 7.31 17.36
C LEU C 196 -16.49 6.96 18.80
N ALA C 197 -16.90 5.79 19.28
CA ALA C 197 -16.62 5.40 20.67
C ALA C 197 -15.11 5.29 20.96
N MET C 198 -14.34 4.85 19.97
CA MET C 198 -12.88 4.83 20.09
C MET C 198 -12.32 6.23 20.24
N GLY C 199 -12.80 7.16 19.40
CA GLY C 199 -12.47 8.57 19.53
C GLY C 199 -12.76 9.09 20.94
N LEU C 200 -13.95 8.80 21.45
CA LEU C 200 -14.36 9.28 22.79
C LEU C 200 -13.38 8.78 23.85
N THR C 201 -13.02 7.50 23.71
CA THR C 201 -12.16 6.82 24.68
C THR C 201 -10.83 7.56 24.80
N MET C 202 -10.36 8.11 23.69
CA MET C 202 -9.09 8.78 23.74
C MET C 202 -9.22 10.30 23.87
N GLY C 203 -10.44 10.79 24.12
CA GLY C 203 -10.64 12.20 24.51
C GLY C 203 -11.25 13.09 23.45
N ALA C 204 -11.69 12.50 22.33
CA ALA C 204 -12.40 13.31 21.34
C ALA C 204 -13.72 13.71 21.98
N LYS C 205 -14.15 14.94 21.73
CA LYS C 205 -15.42 15.44 22.25
C LYS C 205 -16.33 16.00 21.14
N GLY C 206 -15.73 16.30 19.99
CA GLY C 206 -16.44 16.83 18.81
C GLY C 206 -16.22 15.90 17.63
N PHE C 207 -17.28 15.67 16.87
CA PHE C 207 -17.32 14.68 15.81
C PHE C 207 -17.93 15.27 14.56
N ILE C 208 -17.21 15.16 13.46
CA ILE C 208 -17.65 15.61 12.17
C ILE C 208 -17.87 14.39 11.28
N GLY C 209 -19.02 14.30 10.63
CA GLY C 209 -19.20 13.19 9.74
C GLY C 209 -20.42 13.21 8.87
N SER C 210 -20.33 12.53 7.74
CA SER C 210 -21.47 12.49 6.81
C SER C 210 -22.69 11.76 7.38
N THR C 211 -22.46 10.77 8.23
CA THR C 211 -23.56 9.88 8.62
C THR C 211 -24.46 10.54 9.65
N TYR C 212 -23.99 11.58 10.32
CA TYR C 212 -24.79 12.29 11.32
C TYR C 212 -25.87 13.17 10.68
N ASN C 213 -25.80 13.36 9.36
CA ASN C 213 -26.87 14.08 8.64
C ASN C 213 -28.28 13.50 8.88
N VAL C 214 -28.36 12.17 9.05
CA VAL C 214 -29.65 11.51 9.19
C VAL C 214 -29.75 10.53 10.35
N ASN C 215 -28.66 10.36 11.09
CA ASN C 215 -28.70 9.50 12.27
C ASN C 215 -27.91 10.08 13.43
N ALA C 216 -28.07 11.38 13.66
CA ALA C 216 -27.51 11.99 14.84
C ALA C 216 -28.04 11.28 16.11
N LYS C 217 -29.30 10.84 16.11
CA LYS C 217 -29.88 10.17 17.28
C LYS C 217 -29.07 8.92 17.66
N GLY C 218 -28.80 8.09 16.65
CA GLY C 218 -27.99 6.87 16.81
C GLY C 218 -26.57 7.16 17.31
N ALA C 219 -25.96 8.23 16.80
CA ALA C 219 -24.63 8.63 17.21
C ALA C 219 -24.69 9.21 18.62
N ASN C 220 -25.66 10.07 18.90
CA ASN C 220 -25.80 10.62 20.26
C ASN C 220 -26.02 9.55 21.31
N ALA C 221 -26.69 8.47 20.93
CA ALA C 221 -26.98 7.36 21.86
C ALA C 221 -25.66 6.78 22.37
N ILE C 222 -24.71 6.66 21.45
CA ILE C 222 -23.36 6.17 21.82
C ILE C 222 -22.68 7.12 22.78
N ILE C 223 -22.72 8.43 22.48
CA ILE C 223 -22.08 9.44 23.32
C ILE C 223 -22.71 9.44 24.73
N LYS C 224 -24.03 9.43 24.78
CA LYS C 224 -24.72 9.42 26.09
C LYS C 224 -24.43 8.14 26.88
N ALA C 225 -24.43 6.99 26.22
CA ALA C 225 -24.08 5.73 26.90
C ALA C 225 -22.68 5.79 27.46
N TRP C 226 -21.73 6.35 26.66
CA TRP C 226 -20.34 6.50 27.10
C TRP C 226 -20.24 7.39 28.31
N GLU C 227 -20.91 8.54 28.26
CA GLU C 227 -20.87 9.49 29.38
C GLU C 227 -21.51 8.88 30.64
N ALA C 228 -22.52 8.03 30.45
CA ALA C 228 -23.22 7.38 31.57
C ALA C 228 -22.52 6.12 32.08
N ASN C 229 -21.33 5.84 31.57
CA ASN C 229 -20.57 4.62 31.97
C ASN C 229 -21.27 3.29 31.66
N ASP C 230 -22.13 3.30 30.65
CA ASP C 230 -22.81 2.08 30.24
C ASP C 230 -21.98 1.49 29.13
N LYS C 231 -20.94 0.78 29.53
CA LYS C 231 -19.93 0.31 28.61
C LYS C 231 -20.51 -0.72 27.66
N GLU C 232 -21.42 -1.56 28.16
CA GLU C 232 -22.09 -2.54 27.32
C GLU C 232 -22.95 -1.90 26.23
N ALA C 233 -23.68 -0.85 26.58
CA ALA C 233 -24.48 -0.13 25.59
C ALA C 233 -23.60 0.58 24.57
N VAL C 234 -22.47 1.14 25.02
CA VAL C 234 -21.50 1.74 24.06
C VAL C 234 -21.21 0.73 22.94
N MET C 235 -20.97 -0.53 23.32
CA MET C 235 -20.65 -1.60 22.36
C MET C 235 -21.82 -1.90 21.44
N LYS C 236 -22.98 -2.15 22.04
CA LYS C 236 -24.18 -2.52 21.33
C LYS C 236 -24.64 -1.42 20.35
N LEU C 237 -24.64 -0.18 20.83
CA LEU C 237 -25.08 0.96 20.01
C LEU C 237 -24.09 1.25 18.88
N THR C 238 -22.81 0.96 19.13
CA THR C 238 -21.81 1.06 18.10
C THR C 238 -22.03 -0.01 17.01
N HIS C 239 -22.30 -1.24 17.43
CA HIS C 239 -22.55 -2.30 16.47
C HIS C 239 -23.75 -1.95 15.59
N THR C 240 -24.80 -1.39 16.21
CA THR C 240 -25.97 -0.96 15.43
C THR C 240 -25.59 0.19 14.50
N TYR C 241 -24.87 1.17 15.06
CA TYR C 241 -24.48 2.33 14.26
C TYR C 241 -23.64 1.92 13.05
N ASN C 242 -22.72 0.98 13.25
CA ASN C 242 -21.87 0.58 12.12
C ASN C 242 -22.61 -0.29 11.11
N ASP C 243 -23.56 -1.10 11.58
CA ASP C 243 -24.50 -1.77 10.66
C ASP C 243 -25.17 -0.73 9.76
N TYR C 244 -25.66 0.33 10.39
CA TYR C 244 -26.32 1.44 9.69
C TYR C 244 -25.40 2.06 8.64
N VAL C 245 -24.17 2.37 9.05
CA VAL C 245 -23.22 2.99 8.13
C VAL C 245 -23.03 2.12 6.88
N LEU C 246 -22.78 0.82 7.08
CA LEU C 246 -22.52 -0.05 5.95
C LEU C 246 -23.75 -0.26 5.07
N ASP C 247 -24.92 -0.37 5.70
CA ASP C 247 -26.18 -0.43 4.95
C ASP C 247 -26.38 0.87 4.13
N LEU C 248 -26.10 2.00 4.76
CA LEU C 248 -26.28 3.32 4.14
C LEU C 248 -25.48 3.42 2.83
N ILE C 249 -24.23 3.02 2.89
CA ILE C 249 -23.32 3.19 1.76
C ILE C 249 -23.33 2.03 0.76
N SER C 250 -24.32 1.15 0.88
CA SER C 250 -24.58 0.17 -0.18
C SER C 250 -25.09 0.84 -1.47
N LYS C 251 -25.59 2.08 -1.35
CA LYS C 251 -25.70 2.98 -2.50
C LYS C 251 -24.85 4.20 -2.22
N GLY C 252 -24.61 5.01 -3.25
CA GLY C 252 -23.84 6.25 -3.12
C GLY C 252 -24.20 7.05 -1.87
N LEU C 253 -23.19 7.52 -1.15
CA LEU C 253 -23.42 8.17 0.13
C LEU C 253 -24.29 9.40 0.04
N MET C 254 -23.91 10.36 -0.78
CA MET C 254 -24.66 11.62 -0.84
C MET C 254 -26.05 11.40 -1.45
N GLN C 255 -26.15 10.53 -2.46
CA GLN C 255 -27.47 10.18 -3.03
C GLN C 255 -28.41 9.60 -1.96
N SER C 256 -27.86 8.72 -1.11
CA SER C 256 -28.63 8.14 -0.03
C SER C 256 -29.04 9.16 1.02
N LEU C 257 -28.10 10.02 1.43
CA LEU C 257 -28.40 11.01 2.47
C LEU C 257 -29.48 11.96 1.97
N LYS C 258 -29.35 12.39 0.73
CA LYS C 258 -30.33 13.29 0.16
C LYS C 258 -31.69 12.61 0.00
N ALA C 259 -31.69 11.37 -0.49
CA ALA C 259 -32.95 10.60 -0.63
C ALA C 259 -33.63 10.39 0.72
N ILE C 260 -32.83 10.15 1.76
CA ILE C 260 -33.41 9.99 3.10
C ILE C 260 -34.02 11.30 3.58
N MET C 261 -33.34 12.42 3.32
CA MET C 261 -33.93 13.70 3.71
C MET C 261 -35.21 13.98 2.94
N ARG C 262 -35.20 13.72 1.62
CA ARG C 262 -36.41 13.91 0.80
C ARG C 262 -37.58 13.08 1.32
N LEU C 263 -37.29 11.87 1.78
CA LEU C 263 -38.32 11.02 2.37
C LEU C 263 -38.89 11.64 3.62
N HIS C 264 -38.07 12.40 4.34
CA HIS C 264 -38.54 13.08 5.53
C HIS C 264 -39.12 14.48 5.24
N GLY C 265 -39.39 14.77 3.97
CA GLY C 265 -40.05 16.02 3.55
C GLY C 265 -39.13 17.21 3.39
N VAL C 266 -37.82 16.95 3.38
CA VAL C 266 -36.80 17.98 3.22
C VAL C 266 -36.39 18.10 1.77
N ASP C 267 -36.40 19.32 1.24
CA ASP C 267 -36.09 19.59 -0.19
C ASP C 267 -34.57 19.55 -0.36
N ALA C 268 -33.99 18.37 -0.13
CA ALA C 268 -32.54 18.21 -0.13
C ALA C 268 -31.94 18.02 -1.52
N GLY C 269 -32.81 17.90 -2.53
CA GLY C 269 -32.34 17.82 -3.91
C GLY C 269 -31.48 16.61 -4.21
N TYR C 270 -30.56 16.82 -5.16
CA TYR C 270 -29.85 15.72 -5.78
C TYR C 270 -28.36 15.99 -5.81
N THR C 271 -27.56 14.96 -6.11
CA THR C 271 -26.13 15.19 -6.36
C THR C 271 -25.86 15.85 -7.74
N ARG C 272 -24.67 16.40 -7.90
CA ARG C 272 -24.21 16.89 -9.19
C ARG C 272 -23.38 15.84 -9.89
N LYS C 273 -23.33 15.90 -11.22
CA LYS C 273 -22.38 15.08 -11.98
C LYS C 273 -20.97 15.39 -11.51
N PRO C 274 -20.08 14.38 -11.54
CA PRO C 274 -20.29 13.06 -12.14
C PRO C 274 -20.81 11.98 -11.19
N PHE C 275 -21.35 12.36 -10.02
CA PHE C 275 -21.98 11.36 -9.17
C PHE C 275 -23.15 10.66 -9.86
N TRP C 276 -23.28 9.35 -9.62
CA TRP C 276 -24.33 8.55 -10.23
C TRP C 276 -25.73 9.05 -9.84
N ARG C 277 -26.58 9.29 -10.84
CA ARG C 277 -28.00 9.58 -10.59
C ARG C 277 -28.81 8.26 -10.64
N TYR C 278 -29.31 7.82 -9.49
CA TYR C 278 -30.12 6.59 -9.39
C TYR C 278 -31.50 6.76 -10.01
N GLU C 279 -32.09 5.64 -10.44
CA GLU C 279 -33.48 5.64 -10.87
C GLU C 279 -34.33 5.89 -9.65
N ASP C 280 -35.48 6.52 -9.85
CA ASP C 280 -36.32 7.04 -8.77
C ASP C 280 -36.67 6.00 -7.73
N GLU C 281 -37.16 4.84 -8.18
CA GLU C 281 -37.65 3.83 -7.25
C GLU C 281 -36.54 3.16 -6.46
N GLU C 282 -35.40 2.93 -7.11
CA GLU C 282 -34.23 2.27 -6.49
C GLU C 282 -33.74 3.07 -5.26
N ILE C 283 -33.53 4.38 -5.45
CA ILE C 283 -33.01 5.20 -4.35
C ILE C 283 -34.08 5.46 -3.27
N LYS C 284 -35.34 5.57 -3.68
CA LYS C 284 -36.43 5.72 -2.72
C LYS C 284 -36.54 4.50 -1.83
N LYS C 285 -36.49 3.31 -2.46
CA LYS C 285 -36.56 2.06 -1.72
C LYS C 285 -35.40 1.98 -0.72
N HIS C 286 -34.22 2.40 -1.18
CA HIS C 286 -33.05 2.43 -0.29
C HIS C 286 -33.29 3.36 0.90
N ALA C 287 -33.85 4.55 0.65
CA ALA C 287 -34.11 5.49 1.73
C ALA C 287 -35.12 4.96 2.73
N GLU C 288 -36.13 4.23 2.23
CA GLU C 288 -37.15 3.66 3.11
C GLU C 288 -36.58 2.53 3.94
N PHE C 289 -35.69 1.76 3.34
CA PHE C 289 -35.06 0.65 4.01
C PHE C 289 -34.21 1.15 5.17
N ILE C 290 -33.38 2.16 4.90
CA ILE C 290 -32.54 2.75 5.95
C ILE C 290 -33.38 3.36 7.07
N THR C 291 -34.40 4.13 6.68
CA THR C 291 -35.28 4.79 7.63
C THR C 291 -36.00 3.79 8.53
N ASP C 292 -36.62 2.79 7.92
CA ASP C 292 -37.35 1.77 8.66
C ASP C 292 -36.45 0.95 9.59
N LYS C 293 -35.27 0.58 9.11
CA LYS C 293 -34.38 -0.30 9.88
C LYS C 293 -33.68 0.41 11.05
N TYR C 294 -33.34 1.69 10.88
CA TYR C 294 -32.49 2.41 11.84
C TYR C 294 -33.02 3.73 12.39
N LEU C 295 -33.89 4.39 11.66
CA LEU C 295 -34.18 5.79 11.94
C LEU C 295 -35.60 6.04 12.44
N LYS C 296 -36.41 4.99 12.54
CA LYS C 296 -37.83 5.21 12.89
C LYS C 296 -37.97 5.40 14.40
N ASN D 3 -17.29 -19.69 29.43
CA ASN D 3 -16.13 -20.63 29.47
C ASN D 3 -14.81 -19.89 29.42
N PHE D 4 -14.91 -18.54 29.31
CA PHE D 4 -13.73 -17.70 29.05
C PHE D 4 -13.21 -16.82 30.20
N ASP D 5 -13.71 -16.98 31.41
CA ASP D 5 -13.14 -16.16 32.51
C ASP D 5 -11.62 -16.32 32.65
N LYS D 6 -11.09 -17.51 32.41
CA LYS D 6 -9.65 -17.75 32.61
C LYS D 6 -8.80 -17.04 31.55
N PHE D 7 -9.46 -16.50 30.53
CA PHE D 7 -8.77 -15.78 29.46
C PHE D 7 -8.87 -14.29 29.62
N LYS D 8 -9.40 -13.85 30.75
CA LYS D 8 -9.45 -12.43 31.05
C LYS D 8 -8.12 -11.90 31.58
N GLY D 9 -7.77 -10.66 31.21
CA GLY D 9 -6.61 -9.98 31.79
C GLY D 9 -5.40 -9.95 30.88
N LEU D 10 -4.20 -9.94 31.48
CA LEU D 10 -2.96 -9.70 30.77
C LEU D 10 -2.16 -10.96 30.56
N PHE D 11 -1.79 -11.20 29.30
CA PHE D 11 -1.01 -12.35 28.90
C PHE D 11 0.24 -11.85 28.17
N PRO D 12 1.38 -11.72 28.87
CA PRO D 12 2.59 -11.41 28.13
C PRO D 12 2.88 -12.48 27.12
N ALA D 13 3.30 -12.04 25.95
CA ALA D 13 3.84 -12.93 24.94
C ALA D 13 5.28 -13.21 25.39
N MET D 14 5.50 -14.32 26.09
CA MET D 14 6.75 -14.59 26.78
C MET D 14 7.99 -14.64 25.87
N VAL D 15 9.05 -13.98 26.29
CA VAL D 15 10.36 -14.10 25.63
C VAL D 15 10.94 -15.47 25.93
N THR D 16 11.77 -15.99 25.01
CA THR D 16 12.38 -17.30 25.23
C THR D 16 13.89 -17.08 25.46
N PRO D 17 14.38 -17.34 26.69
CA PRO D 17 15.80 -17.12 26.98
C PRO D 17 16.74 -18.01 26.16
N PHE D 18 17.72 -17.38 25.53
CA PHE D 18 18.84 -18.11 24.91
C PHE D 18 20.13 -17.69 25.58
N THR D 19 21.10 -18.60 25.63
CA THR D 19 22.46 -18.21 26.04
C THR D 19 23.06 -17.24 25.01
N LYS D 20 24.14 -16.56 25.39
CA LYS D 20 24.89 -15.71 24.44
C LYS D 20 25.32 -16.44 23.17
N ASP D 21 25.64 -17.73 23.28
CA ASP D 21 26.05 -18.46 22.11
C ASP D 21 24.88 -19.16 21.43
N GLY D 22 23.67 -18.79 21.84
CA GLY D 22 22.47 -19.17 21.11
C GLY D 22 21.80 -20.49 21.42
N LYS D 23 22.12 -21.09 22.57
CA LYS D 23 21.43 -22.31 22.98
C LYS D 23 20.20 -21.95 23.81
N LEU D 24 19.18 -22.78 23.74
CA LEU D 24 18.02 -22.61 24.60
C LEU D 24 18.50 -22.61 26.04
N HIS D 25 18.16 -21.57 26.79
CA HIS D 25 18.58 -21.48 28.17
C HIS D 25 17.48 -21.96 29.11
N LYS D 26 17.49 -23.25 29.39
CA LYS D 26 16.36 -23.89 30.08
C LYS D 26 16.05 -23.35 31.47
N ALA D 27 17.08 -23.12 32.29
CA ALA D 27 16.89 -22.53 33.62
C ALA D 27 16.29 -21.14 33.51
N GLY D 28 16.66 -20.42 32.44
CA GLY D 28 16.15 -19.07 32.21
C GLY D 28 14.67 -19.07 31.95
N VAL D 29 14.19 -20.09 31.23
CA VAL D 29 12.76 -20.20 30.96
C VAL D 29 11.98 -20.24 32.29
N LYS D 30 12.46 -21.03 33.25
CA LYS D 30 11.78 -21.11 34.54
C LYS D 30 11.78 -19.77 35.29
N GLU D 31 12.88 -19.04 35.20
CA GLU D 31 13.03 -17.76 35.88
C GLU D 31 12.08 -16.72 35.29
N VAL D 32 11.95 -16.75 33.96
CA VAL D 32 11.02 -15.84 33.31
C VAL D 32 9.57 -16.12 33.71
N VAL D 33 9.17 -17.39 33.71
CA VAL D 33 7.82 -17.78 34.15
C VAL D 33 7.57 -17.29 35.59
N ASN D 34 8.51 -17.58 36.50
CA ASN D 34 8.35 -17.09 37.89
C ASN D 34 8.26 -15.56 37.99
N PHE D 35 9.10 -14.86 37.22
CA PHE D 35 9.05 -13.41 37.18
C PHE D 35 7.70 -12.89 36.66
N LEU D 36 7.19 -13.50 35.58
CA LEU D 36 5.86 -13.09 35.08
C LEU D 36 4.75 -13.32 36.08
N VAL D 37 4.72 -14.52 36.67
CA VAL D 37 3.67 -14.88 37.62
C VAL D 37 3.77 -14.04 38.90
N GLU D 38 4.97 -13.91 39.44
CA GLU D 38 5.19 -13.42 40.81
C GLU D 38 5.45 -11.92 40.89
N LYS D 39 6.13 -11.36 39.90
CA LYS D 39 6.49 -9.97 39.97
C LYS D 39 5.59 -9.13 39.09
N GLN D 40 5.41 -9.56 37.84
CA GLN D 40 4.47 -8.87 36.95
C GLN D 40 3.00 -9.18 37.30
N LYS D 41 2.75 -10.26 38.03
CA LYS D 41 1.39 -10.61 38.48
C LYS D 41 0.41 -10.73 37.32
N VAL D 42 0.85 -11.41 36.26
CA VAL D 42 -0.01 -11.58 35.09
C VAL D 42 -1.11 -12.62 35.28
N ASP D 43 -2.12 -12.54 34.41
CA ASP D 43 -3.25 -13.45 34.45
C ASP D 43 -2.99 -14.72 33.67
N GLY D 44 -2.03 -14.65 32.75
CA GLY D 44 -1.68 -15.80 31.93
C GLY D 44 -0.41 -15.55 31.14
N ILE D 45 0.07 -16.58 30.46
CA ILE D 45 1.30 -16.45 29.66
C ILE D 45 1.03 -17.03 28.31
N TYR D 46 1.46 -16.31 27.28
CA TYR D 46 1.37 -16.70 25.88
C TYR D 46 2.79 -17.07 25.43
N ILE D 47 3.06 -18.35 25.17
CA ILE D 47 4.43 -18.79 24.89
C ILE D 47 4.65 -19.14 23.43
N THR D 48 5.93 -19.16 23.06
CA THR D 48 6.41 -19.52 21.74
C THR D 48 5.68 -18.86 20.58
N GLY D 49 5.34 -17.59 20.77
CA GLY D 49 4.81 -16.76 19.69
C GLY D 49 5.95 -15.98 19.04
N SER D 50 5.61 -15.00 18.20
CA SER D 50 6.62 -14.13 17.57
C SER D 50 7.59 -13.59 18.61
N THR D 51 7.06 -13.10 19.73
CA THR D 51 7.89 -12.46 20.75
C THR D 51 8.77 -13.51 21.43
N GLY D 52 8.32 -14.75 21.39
CA GLY D 52 9.10 -15.89 21.88
C GLY D 52 10.17 -16.41 20.91
N GLU D 53 10.39 -15.69 19.81
CA GLU D 53 11.39 -16.06 18.77
C GLU D 53 11.13 -17.48 18.26
N PHE D 54 9.86 -17.83 18.06
CA PHE D 54 9.52 -19.24 17.83
C PHE D 54 10.13 -19.81 16.55
N LEU D 55 10.32 -18.94 15.56
CA LEU D 55 10.89 -19.42 14.29
C LEU D 55 12.37 -19.72 14.42
N LEU D 56 12.98 -19.27 15.52
CA LEU D 56 14.40 -19.52 15.75
C LEU D 56 14.57 -20.72 16.67
N LEU D 57 13.46 -21.33 17.03
CA LEU D 57 13.47 -22.54 17.84
C LEU D 57 13.38 -23.81 17.02
N SER D 58 14.18 -24.81 17.40
CA SER D 58 14.04 -26.16 16.85
C SER D 58 12.77 -26.80 17.38
N PHE D 59 12.33 -27.87 16.73
CA PHE D 59 11.20 -28.67 17.20
C PHE D 59 11.42 -29.12 18.65
N GLU D 60 12.58 -29.71 18.92
CA GLU D 60 12.93 -30.11 20.27
C GLU D 60 12.88 -28.91 21.24
N ASP D 61 13.41 -27.75 20.83
CA ASP D 61 13.41 -26.55 21.71
C ASP D 61 11.96 -26.19 22.08
N LYS D 62 11.06 -26.20 21.10
CA LYS D 62 9.65 -25.87 21.33
C LYS D 62 9.03 -26.79 22.38
N LYS D 63 9.24 -28.09 22.23
CA LYS D 63 8.71 -29.09 23.17
C LYS D 63 9.28 -28.80 24.56
N GLU D 64 10.57 -28.51 24.63
CA GLU D 64 11.21 -28.24 25.93
C GLU D 64 10.67 -26.99 26.61
N VAL D 65 10.48 -25.91 25.84
CA VAL D 65 9.88 -24.70 26.40
C VAL D 65 8.47 -24.99 26.93
N MET D 66 7.68 -25.75 26.18
CA MET D 66 6.33 -26.03 26.61
C MET D 66 6.33 -26.78 27.95
N LYS D 67 7.22 -27.76 28.06
CA LYS D 67 7.40 -28.52 29.30
C LYS D 67 7.87 -27.67 30.49
N LEU D 68 8.92 -26.88 30.28
CA LEU D 68 9.50 -26.00 31.29
C LEU D 68 8.49 -24.99 31.81
N VAL D 69 7.73 -24.40 30.89
CA VAL D 69 6.70 -23.41 31.28
C VAL D 69 5.60 -24.05 32.10
N ALA D 70 5.08 -25.20 31.65
CA ALA D 70 4.02 -25.90 32.39
C ALA D 70 4.52 -26.27 33.79
N GLU D 71 5.76 -26.75 33.87
CA GLU D 71 6.33 -27.13 35.15
C GLU D 71 6.54 -25.94 36.10
N ALA D 72 7.15 -24.86 35.59
CA ALA D 72 7.39 -23.68 36.42
C ALA D 72 6.07 -23.01 36.86
N ASN D 73 5.10 -22.97 35.94
CA ASN D 73 3.81 -22.37 36.24
C ASN D 73 3.09 -23.10 37.39
N ALA D 74 3.15 -24.42 37.32
CA ALA D 74 2.48 -25.34 38.24
C ALA D 74 1.02 -24.94 38.44
N GLY D 75 0.34 -24.64 37.32
CA GLY D 75 -1.09 -24.32 37.31
C GLY D 75 -1.52 -22.96 37.81
N ARG D 76 -0.57 -22.11 38.17
CA ARG D 76 -0.86 -20.81 38.78
C ARG D 76 -1.62 -19.84 37.90
N VAL D 77 -1.16 -19.68 36.65
CA VAL D 77 -1.85 -18.82 35.67
C VAL D 77 -2.30 -19.59 34.43
N THR D 78 -3.09 -18.93 33.61
CA THR D 78 -3.61 -19.53 32.38
C THR D 78 -2.44 -19.61 31.42
N LEU D 79 -2.35 -20.71 30.65
CA LEU D 79 -1.27 -20.84 29.67
C LEU D 79 -1.83 -21.04 28.28
N ILE D 80 -1.25 -20.35 27.30
CA ILE D 80 -1.63 -20.53 25.89
C ILE D 80 -0.31 -20.73 25.16
N ALA D 81 -0.24 -21.77 24.34
CA ALA D 81 0.96 -21.99 23.51
C ALA D 81 0.69 -21.77 22.03
N GLN D 82 1.52 -20.93 21.42
CA GLN D 82 1.50 -20.75 19.96
C GLN D 82 2.33 -21.88 19.40
N ILE D 83 1.73 -22.67 18.51
CA ILE D 83 2.35 -23.92 18.08
C ILE D 83 2.43 -24.04 16.57
N GLY D 84 1.98 -23.01 15.85
CA GLY D 84 1.97 -23.04 14.37
C GLY D 84 3.34 -22.83 13.72
N SER D 85 3.49 -23.41 12.54
CA SER D 85 4.64 -23.23 11.67
C SER D 85 4.24 -23.85 10.34
N LEU D 86 5.15 -23.86 9.38
CA LEU D 86 4.82 -24.53 8.12
C LEU D 86 4.98 -26.04 8.18
N ASN D 87 5.43 -26.55 9.31
CA ASN D 87 5.57 -27.99 9.45
C ASN D 87 4.32 -28.48 10.16
N ILE D 88 3.39 -29.02 9.39
CA ILE D 88 2.06 -29.37 9.91
C ILE D 88 2.13 -30.56 10.85
N GLU D 89 2.96 -31.55 10.52
CA GLU D 89 3.10 -32.72 11.42
C GLU D 89 3.68 -32.37 12.80
N GLU D 90 4.67 -31.49 12.80
CA GLU D 90 5.23 -30.99 14.04
C GLU D 90 4.20 -30.20 14.82
N THR D 91 3.43 -29.38 14.10
CA THR D 91 2.38 -28.60 14.76
C THR D 91 1.34 -29.53 15.45
N LYS D 92 0.93 -30.58 14.75
CA LYS D 92 0.03 -31.58 15.37
C LYS D 92 0.61 -32.21 16.62
N GLU D 93 1.90 -32.56 16.57
CA GLU D 93 2.58 -33.08 17.74
C GLU D 93 2.65 -32.09 18.91
N LEU D 94 2.88 -30.81 18.61
CA LEU D 94 2.86 -29.78 19.65
C LEU D 94 1.47 -29.55 20.21
N ALA D 95 0.45 -29.72 19.39
CA ALA D 95 -0.93 -29.67 19.88
C ALA D 95 -1.20 -30.75 20.91
N LYS D 96 -0.79 -31.98 20.60
CA LYS D 96 -0.98 -33.10 21.51
C LYS D 96 -0.21 -32.88 22.80
N LEU D 97 1.02 -32.37 22.67
CA LEU D 97 1.84 -32.03 23.82
C LEU D 97 1.20 -30.97 24.71
N ALA D 98 0.60 -29.96 24.09
CA ALA D 98 -0.06 -28.90 24.84
C ALA D 98 -1.20 -29.51 25.68
N LYS D 99 -2.00 -30.36 25.06
CA LYS D 99 -3.08 -31.08 25.76
C LYS D 99 -2.54 -31.88 26.95
N GLU D 100 -1.51 -32.69 26.69
CA GLU D 100 -0.86 -33.53 27.73
C GLU D 100 -0.36 -32.68 28.90
N LEU D 101 0.14 -31.47 28.60
CA LEU D 101 0.67 -30.56 29.62
C LEU D 101 -0.39 -29.66 30.28
N LYS D 102 -1.64 -29.85 29.88
CA LYS D 102 -2.78 -29.08 30.40
C LYS D 102 -2.75 -27.60 30.07
N TYR D 103 -2.21 -27.25 28.91
CA TYR D 103 -2.38 -25.89 28.40
C TYR D 103 -3.86 -25.57 28.28
N ASP D 104 -4.21 -24.32 28.60
CA ASP D 104 -5.60 -23.88 28.52
C ASP D 104 -6.07 -23.65 27.09
N ALA D 105 -5.14 -23.26 26.22
CA ALA D 105 -5.45 -23.14 24.82
C ALA D 105 -4.15 -23.21 24.02
N ILE D 106 -4.33 -23.43 22.73
CA ILE D 106 -3.28 -23.27 21.73
C ILE D 106 -3.66 -22.18 20.75
N SER D 107 -2.67 -21.65 20.06
CA SER D 107 -2.90 -20.79 18.94
C SER D 107 -1.99 -21.22 17.81
N ALA D 108 -2.31 -20.77 16.60
CA ALA D 108 -1.42 -21.03 15.48
C ALA D 108 -1.43 -19.85 14.53
N ILE D 109 -0.23 -19.37 14.19
CA ILE D 109 -0.07 -18.29 13.21
C ILE D 109 -0.63 -18.73 11.86
N THR D 110 -1.05 -17.74 11.08
CA THR D 110 -1.41 -17.95 9.67
C THR D 110 -0.18 -18.53 8.95
N PRO D 111 -0.38 -19.52 8.07
CA PRO D 111 0.74 -19.99 7.25
C PRO D 111 1.45 -18.79 6.61
N TYR D 112 2.77 -18.76 6.71
CA TYR D 112 3.55 -17.54 6.50
C TYR D 112 4.49 -17.68 5.28
N TYR D 113 5.16 -16.58 4.94
CA TYR D 113 6.12 -16.47 3.81
C TYR D 113 5.47 -16.51 2.44
N TYR D 114 4.86 -17.63 2.08
CA TYR D 114 4.10 -17.72 0.85
C TYR D 114 2.75 -17.05 0.99
N ASN D 115 2.12 -16.79 -0.15
CA ASN D 115 0.79 -16.25 -0.12
C ASN D 115 -0.21 -17.41 -0.15
N PHE D 116 -0.56 -17.94 1.01
CA PHE D 116 -1.49 -19.08 1.04
C PHE D 116 -2.91 -18.62 0.81
N SER D 117 -3.67 -19.43 0.11
CA SER D 117 -5.08 -19.12 -0.16
C SER D 117 -5.91 -19.28 1.11
N PHE D 118 -7.13 -18.74 1.06
CA PHE D 118 -8.09 -18.99 2.14
C PHE D 118 -8.32 -20.49 2.31
N ASN D 119 -8.49 -21.24 1.23
CA ASN D 119 -8.71 -22.67 1.33
C ASN D 119 -7.53 -23.41 1.98
N GLU D 120 -6.31 -22.98 1.66
CA GLU D 120 -5.14 -23.58 2.28
C GLU D 120 -5.08 -23.27 3.76
N THR D 121 -5.41 -22.04 4.11
CA THR D 121 -5.41 -21.62 5.52
C THR D 121 -6.48 -22.39 6.30
N HIS D 122 -7.68 -22.48 5.71
CA HIS D 122 -8.77 -23.22 6.32
C HIS D 122 -8.36 -24.66 6.53
N HIS D 123 -7.75 -25.30 5.51
CA HIS D 123 -7.32 -26.71 5.63
C HIS D 123 -6.25 -26.93 6.71
N TYR D 124 -5.34 -25.96 6.78
CA TYR D 124 -4.29 -25.93 7.81
C TYR D 124 -4.91 -26.00 9.21
N TYR D 125 -5.83 -25.08 9.50
CA TYR D 125 -6.48 -25.09 10.81
C TYR D 125 -7.27 -26.37 11.03
N GLU D 126 -7.92 -26.87 9.98
CA GLU D 126 -8.67 -28.15 10.06
C GLU D 126 -7.76 -29.30 10.47
N GLU D 127 -6.59 -29.38 9.83
CA GLU D 127 -5.63 -30.44 10.19
C GLU D 127 -5.20 -30.36 11.64
N ILE D 128 -4.86 -29.16 12.08
CA ILE D 128 -4.38 -28.99 13.45
C ILE D 128 -5.50 -29.37 14.44
N SER D 129 -6.75 -29.06 14.08
CA SER D 129 -7.90 -29.37 14.94
C SER D 129 -8.06 -30.86 15.22
N LYS D 130 -7.74 -31.71 14.27
CA LYS D 130 -7.95 -33.15 14.46
C LYS D 130 -6.92 -33.78 15.39
N ALA D 131 -5.87 -33.03 15.73
CA ALA D 131 -4.76 -33.55 16.54
C ALA D 131 -5.06 -33.77 18.03
N ALA D 132 -5.77 -32.83 18.66
CA ALA D 132 -6.03 -32.87 20.10
C ALA D 132 -7.27 -32.07 20.39
N ASP D 133 -8.04 -32.50 21.38
CA ASP D 133 -9.19 -31.71 21.80
C ASP D 133 -8.74 -30.72 22.86
N ILE D 134 -8.33 -29.54 22.37
CA ILE D 134 -7.84 -28.44 23.18
C ILE D 134 -8.32 -27.17 22.43
N PRO D 135 -8.79 -26.14 23.14
CA PRO D 135 -9.28 -24.96 22.43
C PRO D 135 -8.17 -24.30 21.61
N MET D 136 -8.54 -23.81 20.43
CA MET D 136 -7.61 -23.15 19.50
C MET D 136 -8.00 -21.70 19.28
N LEU D 137 -7.03 -20.80 19.31
CA LEU D 137 -7.23 -19.41 18.87
C LEU D 137 -6.55 -19.25 17.53
N ILE D 138 -7.30 -18.89 16.51
CA ILE D 138 -6.67 -18.66 15.21
C ILE D 138 -6.12 -17.24 15.15
N TYR D 139 -5.19 -16.97 14.25
CA TYR D 139 -4.68 -15.60 14.08
C TYR D 139 -5.56 -14.84 13.11
N TYR D 140 -5.81 -13.58 13.41
CA TYR D 140 -6.65 -12.79 12.53
C TYR D 140 -5.96 -12.55 11.19
N LEU D 141 -6.73 -12.81 10.13
CA LEU D 141 -6.27 -12.73 8.74
C LEU D 141 -7.05 -11.63 7.97
N PRO D 142 -6.40 -10.47 7.74
CA PRO D 142 -7.05 -9.44 6.92
C PRO D 142 -7.13 -9.83 5.44
N VAL D 149 -9.62 -11.23 4.74
CA VAL D 149 -10.74 -10.79 3.92
C VAL D 149 -11.97 -10.57 4.82
N SER D 150 -13.17 -10.94 4.37
CA SER D 150 -14.40 -10.43 4.98
C SER D 150 -14.67 -11.00 6.37
N THR D 151 -15.49 -10.27 7.14
CA THR D 151 -16.00 -10.72 8.43
C THR D 151 -16.66 -12.09 8.30
N ASP D 152 -17.48 -12.26 7.27
CA ASP D 152 -18.16 -13.54 7.03
C ASP D 152 -17.20 -14.68 6.76
N GLN D 153 -16.21 -14.42 5.89
CA GLN D 153 -15.25 -15.46 5.48
C GLN D 153 -14.35 -15.84 6.65
N PHE D 154 -14.06 -14.88 7.53
CA PHE D 154 -13.28 -15.17 8.73
C PHE D 154 -14.06 -16.12 9.65
N GLY D 155 -15.40 -15.98 9.62
CA GLY D 155 -16.27 -16.83 10.41
C GLY D 155 -16.13 -18.30 10.05
N LYS D 156 -15.77 -18.56 8.79
CA LYS D 156 -15.56 -19.93 8.35
C LYS D 156 -14.39 -20.60 9.07
N LEU D 157 -13.36 -19.82 9.38
CA LEU D 157 -12.24 -20.34 10.17
C LEU D 157 -12.66 -20.46 11.64
N LEU D 158 -13.43 -19.50 12.12
CA LEU D 158 -13.88 -19.54 13.54
C LEU D 158 -14.78 -20.74 13.87
N GLU D 159 -15.47 -21.29 12.86
CA GLU D 159 -16.39 -22.44 13.02
C GLU D 159 -15.68 -23.79 13.05
N ILE D 160 -14.40 -23.80 12.70
CA ILE D 160 -13.63 -25.05 12.68
C ILE D 160 -13.66 -25.72 14.07
N LYS D 161 -13.73 -27.04 14.09
CA LYS D 161 -13.78 -27.79 15.34
C LYS D 161 -12.70 -27.33 16.31
N ASN D 162 -13.09 -27.10 17.56
CA ASN D 162 -12.15 -26.74 18.63
C ASN D 162 -11.72 -25.26 18.62
N VAL D 163 -11.99 -24.53 17.53
CA VAL D 163 -11.66 -23.10 17.51
C VAL D 163 -12.63 -22.32 18.41
N ILE D 164 -12.09 -21.65 19.42
CA ILE D 164 -12.92 -20.87 20.33
C ILE D 164 -12.89 -19.37 20.02
N GLY D 165 -11.98 -18.99 19.14
CA GLY D 165 -11.91 -17.56 18.80
C GLY D 165 -10.59 -17.23 18.14
N SER D 166 -10.14 -15.99 18.31
CA SER D 166 -8.99 -15.50 17.56
C SER D 166 -8.11 -14.59 18.39
N LYS D 167 -6.80 -14.64 18.12
CA LYS D 167 -5.89 -13.65 18.61
C LYS D 167 -5.87 -12.54 17.57
N TYR D 168 -6.30 -11.34 17.98
CA TYR D 168 -6.50 -10.22 17.09
C TYR D 168 -5.41 -9.19 17.29
N GLY D 169 -4.47 -9.13 16.34
CA GLY D 169 -3.31 -8.28 16.47
C GLY D 169 -3.19 -7.24 15.35
N ALA D 170 -4.26 -7.03 14.60
CA ALA D 170 -4.25 -6.01 13.53
C ALA D 170 -4.53 -4.61 14.09
N THR D 171 -4.09 -3.58 13.37
CA THR D 171 -4.34 -2.20 13.78
C THR D 171 -5.73 -1.71 13.33
N ASP D 172 -6.45 -2.55 12.60
CA ASP D 172 -7.76 -2.17 12.06
C ASP D 172 -8.81 -2.37 13.16
N LEU D 173 -9.23 -1.28 13.80
CA LEU D 173 -10.19 -1.42 14.87
C LEU D 173 -11.66 -1.50 14.39
N PHE D 174 -11.88 -1.19 13.13
CA PHE D 174 -13.19 -1.37 12.51
C PHE D 174 -13.44 -2.86 12.27
N ALA D 175 -12.47 -3.54 11.66
CA ALA D 175 -12.58 -5.00 11.52
C ALA D 175 -12.80 -5.65 12.88
N PHE D 176 -12.08 -5.19 13.91
CA PHE D 176 -12.26 -5.71 15.25
C PHE D 176 -13.69 -5.53 15.75
N GLU D 177 -14.22 -4.33 15.58
CA GLU D 177 -15.58 -4.03 15.99
C GLU D 177 -16.60 -4.93 15.26
N ARG D 178 -16.37 -5.16 13.97
CA ARG D 178 -17.27 -5.97 13.17
C ARG D 178 -17.24 -7.43 13.65
N LEU D 179 -16.06 -7.90 14.02
CA LEU D 179 -15.93 -9.27 14.57
C LEU D 179 -16.66 -9.41 15.90
N MET D 180 -16.48 -8.44 16.80
CA MET D 180 -17.16 -8.46 18.09
C MET D 180 -18.68 -8.42 17.93
N SER D 181 -19.13 -7.73 16.88
CA SER D 181 -20.57 -7.67 16.62
C SER D 181 -21.13 -8.99 16.10
N LYS D 182 -20.36 -9.59 15.19
CA LYS D 182 -20.84 -10.76 14.47
C LYS D 182 -20.67 -12.07 15.26
N TYR D 183 -19.65 -12.15 16.11
CA TYR D 183 -19.31 -13.37 16.83
C TYR D 183 -19.21 -13.12 18.33
N PRO D 184 -20.33 -12.80 18.99
CA PRO D 184 -20.32 -12.52 20.42
C PRO D 184 -19.98 -13.75 21.28
N ASP D 185 -20.07 -14.94 20.72
CA ASP D 185 -19.78 -16.17 21.47
C ASP D 185 -18.37 -16.72 21.20
N LYS D 186 -17.57 -15.98 20.45
CA LYS D 186 -16.16 -16.36 20.23
C LYS D 186 -15.31 -15.49 21.12
N LEU D 187 -14.11 -15.97 21.40
CA LEU D 187 -13.19 -15.26 22.27
C LEU D 187 -12.20 -14.50 21.41
N PHE D 188 -12.15 -13.19 21.54
CA PHE D 188 -11.11 -12.41 20.88
C PHE D 188 -10.10 -11.91 21.89
N MET D 189 -8.89 -12.44 21.81
CA MET D 189 -7.78 -11.94 22.62
C MET D 189 -7.11 -10.79 21.86
N PHE D 190 -7.04 -9.64 22.48
CA PHE D 190 -6.67 -8.42 21.76
C PHE D 190 -5.18 -8.20 21.87
N ALA D 191 -4.50 -8.18 20.73
CA ALA D 191 -3.04 -8.25 20.72
C ALA D 191 -2.33 -7.00 20.20
N TRP D 192 -2.99 -5.86 20.28
CA TRP D 192 -2.32 -4.62 19.87
C TRP D 192 -2.16 -3.74 21.11
N ASP D 193 -0.98 -3.84 21.74
CA ASP D 193 -0.75 -3.24 23.06
C ASP D 193 -1.05 -1.74 23.09
N GLU D 194 -0.72 -1.04 21.99
CA GLU D 194 -0.87 0.41 21.93
C GLU D 194 -2.32 0.88 21.86
N ALA D 195 -3.24 -0.07 21.77
CA ALA D 195 -4.66 0.24 21.61
C ALA D 195 -5.48 -0.46 22.66
N LEU D 196 -4.86 -0.75 23.81
CA LEU D 196 -5.48 -1.55 24.85
C LEU D 196 -6.86 -1.00 25.22
N ALA D 197 -6.92 0.29 25.56
CA ALA D 197 -8.18 0.93 25.98
C ALA D 197 -9.24 0.93 24.87
N MET D 198 -8.79 1.03 23.64
CA MET D 198 -9.73 0.96 22.52
C MET D 198 -10.31 -0.44 22.39
N GLY D 199 -9.48 -1.46 22.60
CA GLY D 199 -9.94 -2.85 22.64
C GLY D 199 -10.95 -3.03 23.76
N LEU D 200 -10.64 -2.53 24.95
CA LEU D 200 -11.58 -2.62 26.08
C LEU D 200 -12.92 -2.03 25.71
N THR D 201 -12.87 -0.89 25.03
CA THR D 201 -14.09 -0.16 24.71
C THR D 201 -15.02 -0.98 23.83
N MET D 202 -14.45 -1.78 22.94
CA MET D 202 -15.27 -2.61 22.06
C MET D 202 -15.52 -4.05 22.59
N GLY D 203 -15.11 -4.31 23.84
CA GLY D 203 -15.47 -5.58 24.48
C GLY D 203 -14.38 -6.62 24.66
N ALA D 204 -13.14 -6.25 24.38
CA ALA D 204 -12.01 -7.16 24.64
C ALA D 204 -11.82 -7.22 26.14
N LYS D 205 -11.48 -8.39 26.64
CA LYS D 205 -11.24 -8.58 28.07
C LYS D 205 -9.90 -9.23 28.37
N GLY D 206 -9.28 -9.79 27.33
CA GLY D 206 -8.00 -10.48 27.46
C GLY D 206 -7.07 -9.90 26.40
N PHE D 207 -5.82 -9.71 26.79
CA PHE D 207 -4.82 -8.97 26.04
C PHE D 207 -3.53 -9.76 26.02
N ILE D 208 -3.02 -10.02 24.82
CA ILE D 208 -1.73 -10.68 24.65
C ILE D 208 -0.80 -9.63 24.07
N GLY D 209 0.41 -9.53 24.60
CA GLY D 209 1.30 -8.54 24.08
C GLY D 209 2.68 -8.71 24.61
N SER D 210 3.65 -8.37 23.75
CA SER D 210 5.05 -8.36 24.14
C SER D 210 5.33 -7.39 25.32
N THR D 211 4.63 -6.26 25.36
CA THR D 211 5.06 -5.19 26.25
C THR D 211 4.67 -5.47 27.71
N TYR D 212 3.76 -6.43 27.89
CA TYR D 212 3.30 -6.82 29.23
C TYR D 212 4.34 -7.67 29.96
N ASN D 213 5.39 -8.12 29.25
CA ASN D 213 6.47 -8.86 29.87
C ASN D 213 7.14 -8.08 31.02
N VAL D 214 7.22 -6.76 30.89
CA VAL D 214 7.91 -5.95 31.91
C VAL D 214 7.09 -4.75 32.43
N ASN D 215 5.92 -4.52 31.85
CA ASN D 215 5.08 -3.43 32.37
C ASN D 215 3.61 -3.83 32.52
N ALA D 216 3.36 -5.01 33.10
CA ALA D 216 1.99 -5.40 33.36
C ALA D 216 1.32 -4.40 34.31
N LYS D 217 2.10 -3.80 35.20
CA LYS D 217 1.54 -2.81 36.14
C LYS D 217 0.90 -1.62 35.37
N GLY D 218 1.64 -1.05 34.41
CA GLY D 218 1.16 0.07 33.59
C GLY D 218 -0.07 -0.27 32.75
N ALA D 219 -0.09 -1.49 32.20
CA ALA D 219 -1.22 -1.95 31.40
C ALA D 219 -2.41 -2.20 32.31
N ASN D 220 -2.17 -2.88 33.45
CA ASN D 220 -3.26 -3.12 34.40
C ASN D 220 -3.88 -1.83 34.92
N ALA D 221 -3.08 -0.77 35.01
CA ALA D 221 -3.54 0.55 35.45
C ALA D 221 -4.62 1.08 34.50
N ILE D 222 -4.42 0.85 33.21
CA ILE D 222 -5.41 1.25 32.19
C ILE D 222 -6.69 0.47 32.37
N ILE D 223 -6.57 -0.86 32.52
CA ILE D 223 -7.74 -1.71 32.67
C ILE D 223 -8.53 -1.30 33.94
N LYS D 224 -7.82 -1.09 35.03
CA LYS D 224 -8.46 -0.72 36.30
C LYS D 224 -9.19 0.64 36.21
N ALA D 225 -8.53 1.62 35.61
CA ALA D 225 -9.13 2.93 35.38
C ALA D 225 -10.39 2.79 34.50
N TRP D 226 -10.31 1.94 33.47
CA TRP D 226 -11.44 1.75 32.57
C TRP D 226 -12.63 1.12 33.30
N GLU D 227 -12.38 0.06 34.07
CA GLU D 227 -13.42 -0.61 34.85
C GLU D 227 -14.05 0.33 35.89
N ALA D 228 -13.25 1.25 36.43
CA ALA D 228 -13.68 2.21 37.44
C ALA D 228 -14.35 3.46 36.83
N ASN D 229 -14.46 3.50 35.49
CA ASN D 229 -15.09 4.60 34.79
C ASN D 229 -14.34 5.92 34.91
N ASP D 230 -13.05 5.84 35.21
CA ASP D 230 -12.23 7.03 35.24
C ASP D 230 -11.74 7.34 33.82
N LYS D 231 -12.56 8.06 33.06
CA LYS D 231 -12.29 8.34 31.64
C LYS D 231 -10.98 9.05 31.43
N GLU D 232 -10.71 10.04 32.28
CA GLU D 232 -9.51 10.84 32.14
C GLU D 232 -8.26 10.03 32.47
N ALA D 233 -8.36 9.13 33.45
CA ALA D 233 -7.20 8.27 33.82
C ALA D 233 -6.92 7.32 32.66
N VAL D 234 -7.97 6.76 32.06
CA VAL D 234 -7.80 5.87 30.90
C VAL D 234 -6.94 6.56 29.83
N MET D 235 -7.24 7.83 29.55
CA MET D 235 -6.50 8.60 28.57
C MET D 235 -5.05 8.82 28.99
N LYS D 236 -4.90 9.37 30.19
CA LYS D 236 -3.58 9.68 30.73
C LYS D 236 -2.67 8.44 30.79
N LEU D 237 -3.20 7.36 31.35
CA LEU D 237 -2.43 6.12 31.50
C LEU D 237 -2.09 5.48 30.16
N THR D 238 -2.97 5.68 29.17
CA THR D 238 -2.69 5.24 27.79
C THR D 238 -1.53 6.04 27.17
N HIS D 239 -1.59 7.37 27.27
CA HIS D 239 -0.51 8.20 26.74
C HIS D 239 0.80 7.80 27.37
N THR D 240 0.78 7.53 28.68
CA THR D 240 2.00 7.11 29.37
C THR D 240 2.44 5.74 28.87
N TYR D 241 1.49 4.80 28.81
CA TYR D 241 1.84 3.46 28.35
C TYR D 241 2.43 3.50 26.94
N ASN D 242 1.84 4.30 26.05
CA ASN D 242 2.30 4.34 24.67
C ASN D 242 3.61 5.11 24.49
N ASP D 243 3.86 6.12 25.35
CA ASP D 243 5.20 6.70 25.52
C ASP D 243 6.20 5.58 25.83
N TYR D 244 5.86 4.73 26.79
CA TYR D 244 6.69 3.60 27.16
C TYR D 244 6.98 2.65 25.99
N VAL D 245 5.93 2.28 25.25
CA VAL D 245 6.11 1.34 24.15
C VAL D 245 7.09 1.91 23.09
N LEU D 246 6.89 3.16 22.71
CA LEU D 246 7.77 3.80 21.73
C LEU D 246 9.20 3.98 22.24
N ASP D 247 9.36 4.33 23.52
CA ASP D 247 10.69 4.36 24.12
C ASP D 247 11.34 2.97 24.12
N LEU D 248 10.55 1.97 24.49
CA LEU D 248 11.04 0.60 24.63
C LEU D 248 11.63 0.13 23.29
N ILE D 249 10.89 0.39 22.21
CA ILE D 249 11.29 -0.12 20.87
C ILE D 249 12.23 0.80 20.10
N SER D 250 12.85 1.76 20.78
CA SER D 250 13.89 2.54 20.17
C SER D 250 15.17 1.69 20.05
N LYS D 251 15.19 0.54 20.75
CA LYS D 251 16.10 -0.56 20.44
C LYS D 251 15.28 -1.81 20.19
N GLY D 252 15.92 -2.86 19.66
CA GLY D 252 15.22 -4.11 19.40
C GLY D 252 14.33 -4.53 20.57
N LEU D 253 13.10 -4.92 20.25
CA LEU D 253 12.07 -5.22 21.26
C LEU D 253 12.50 -6.37 22.16
N MET D 254 12.83 -7.51 21.56
CA MET D 254 13.19 -8.67 22.39
C MET D 254 14.48 -8.47 23.18
N GLN D 255 15.45 -7.77 22.59
CA GLN D 255 16.72 -7.47 23.27
C GLN D 255 16.45 -6.57 24.47
N SER D 256 15.55 -5.59 24.26
CA SER D 256 15.14 -4.66 25.34
C SER D 256 14.40 -5.36 26.47
N LEU D 257 13.42 -6.18 26.13
CA LEU D 257 12.65 -6.91 27.14
C LEU D 257 13.58 -7.79 27.95
N LYS D 258 14.44 -8.53 27.24
CA LYS D 258 15.39 -9.41 27.92
C LYS D 258 16.34 -8.61 28.83
N ALA D 259 16.87 -7.49 28.34
CA ALA D 259 17.80 -6.67 29.11
C ALA D 259 17.16 -6.09 30.38
N ILE D 260 15.91 -5.64 30.25
CA ILE D 260 15.14 -5.18 31.42
C ILE D 260 14.93 -6.35 32.41
N MET D 261 14.63 -7.54 31.92
CA MET D 261 14.54 -8.69 32.85
C MET D 261 15.85 -8.95 33.58
N ARG D 262 16.97 -8.93 32.82
CA ARG D 262 18.31 -9.15 33.42
C ARG D 262 18.63 -8.08 34.46
N LEU D 263 18.21 -6.85 34.19
CA LEU D 263 18.40 -5.73 35.12
C LEU D 263 17.68 -5.99 36.46
N HIS D 264 16.53 -6.66 36.37
CA HIS D 264 15.75 -7.06 37.53
C HIS D 264 16.17 -8.40 38.14
N GLY D 265 17.35 -8.88 37.76
CA GLY D 265 17.89 -10.15 38.25
C GLY D 265 17.32 -11.43 37.65
N VAL D 266 16.61 -11.32 36.53
CA VAL D 266 16.00 -12.48 35.91
C VAL D 266 16.93 -12.99 34.81
N ASP D 267 17.20 -14.30 34.82
CA ASP D 267 18.19 -14.87 33.91
C ASP D 267 17.53 -15.09 32.52
N ALA D 268 17.15 -13.98 31.87
CA ALA D 268 16.33 -14.05 30.66
C ALA D 268 17.14 -14.24 29.39
N GLY D 269 18.45 -14.20 29.51
CA GLY D 269 19.31 -14.53 28.38
C GLY D 269 19.22 -13.50 27.27
N TYR D 270 19.41 -13.97 26.03
CA TYR D 270 19.64 -13.07 24.89
C TYR D 270 18.81 -13.53 23.73
N THR D 271 18.68 -12.69 22.71
CA THR D 271 18.04 -13.10 21.45
C THR D 271 18.97 -14.04 20.67
N ARG D 272 18.38 -14.77 19.71
CA ARG D 272 19.14 -15.57 18.75
C ARG D 272 19.38 -14.82 17.46
N LYS D 273 20.45 -15.18 16.74
CA LYS D 273 20.62 -14.62 15.40
C LYS D 273 19.39 -14.96 14.55
N PRO D 274 19.02 -14.11 13.59
CA PRO D 274 19.72 -12.93 13.13
C PRO D 274 19.33 -11.62 13.81
N PHE D 275 18.66 -11.72 14.96
CA PHE D 275 18.46 -10.52 15.77
C PHE D 275 19.79 -9.88 16.16
N TRP D 276 19.80 -8.55 16.17
CA TRP D 276 21.00 -7.77 16.47
C TRP D 276 21.42 -8.00 17.90
N ARG D 277 22.71 -8.25 18.12
CA ARG D 277 23.25 -8.34 19.47
C ARG D 277 23.93 -7.02 19.82
N TYR D 278 23.35 -6.32 20.79
CA TYR D 278 23.84 -5.00 21.18
C TYR D 278 25.10 -5.12 22.04
N GLU D 279 25.89 -4.05 22.03
CA GLU D 279 27.00 -3.91 22.96
C GLU D 279 26.44 -3.90 24.37
N ASP D 280 27.22 -4.41 25.32
CA ASP D 280 26.77 -4.56 26.70
C ASP D 280 26.25 -3.26 27.31
N GLU D 281 27.06 -2.20 27.17
CA GLU D 281 26.78 -0.92 27.81
C GLU D 281 25.53 -0.25 27.24
N GLU D 282 25.42 -0.29 25.91
CA GLU D 282 24.32 0.32 25.18
C GLU D 282 22.98 -0.26 25.66
N ILE D 283 22.88 -1.58 25.75
CA ILE D 283 21.58 -2.20 26.04
C ILE D 283 21.23 -2.12 27.51
N LYS D 284 22.26 -2.15 28.36
CA LYS D 284 22.05 -2.02 29.80
C LYS D 284 21.51 -0.63 30.08
N LYS D 285 22.10 0.35 29.43
CA LYS D 285 21.71 1.75 29.63
C LYS D 285 20.28 1.95 29.17
N HIS D 286 19.92 1.28 28.06
CA HIS D 286 18.54 1.31 27.58
C HIS D 286 17.56 0.73 28.63
N ALA D 287 17.90 -0.43 29.19
CA ALA D 287 17.05 -1.08 30.19
C ALA D 287 16.92 -0.18 31.42
N GLU D 288 18.02 0.45 31.81
CA GLU D 288 18.00 1.36 32.97
C GLU D 288 17.08 2.55 32.71
N PHE D 289 17.21 3.15 31.54
CA PHE D 289 16.39 4.27 31.14
C PHE D 289 14.91 3.90 31.19
N ILE D 290 14.52 2.79 30.54
CA ILE D 290 13.12 2.37 30.55
C ILE D 290 12.63 2.06 31.97
N THR D 291 13.43 1.35 32.75
CA THR D 291 13.03 0.97 34.10
C THR D 291 12.81 2.21 34.98
N ASP D 292 13.76 3.15 34.93
N ASP D 292 13.75 3.16 34.91
CA ASP D 292 13.68 4.38 35.72
CA ASP D 292 13.69 4.39 35.73
C ASP D 292 12.46 5.21 35.34
C ASP D 292 12.54 5.32 35.33
N LYS D 293 12.26 5.39 34.03
CA LYS D 293 11.20 6.26 33.53
C LYS D 293 9.81 5.67 33.71
N TYR D 294 9.66 4.34 33.52
CA TYR D 294 8.32 3.77 33.46
C TYR D 294 7.97 2.69 34.46
N LEU D 295 8.97 2.00 34.99
CA LEU D 295 8.72 0.71 35.65
C LEU D 295 8.87 0.69 37.17
N LYS D 296 8.99 1.85 37.79
CA LYS D 296 9.11 1.86 39.26
C LYS D 296 7.76 1.61 39.92
CL CL E . 0.69 15.96 -17.99
CL CL F . 10.09 29.14 -9.21
CL CL G . 12.22 -19.22 -6.45
CL CL H . -1.84 -31.26 -6.57
CL CL I . -29.93 9.70 -6.91
CL CL J . -16.89 15.98 4.60
CL CL K . 3.88 -12.62 20.09
CL CL L . 21.39 -7.48 23.11
#